data_8K3U
#
_entry.id   8K3U
#
_cell.length_a   1.00
_cell.length_b   1.00
_cell.length_c   1.00
_cell.angle_alpha   90.00
_cell.angle_beta   90.00
_cell.angle_gamma   90.00
#
_symmetry.space_group_name_H-M   'P 1'
#
loop_
_entity.id
_entity.type
_entity.pdbx_description
1 polymer 'Chitin synthase 1'
2 non-polymer 'MAGNESIUM ION'
3 non-polymer 2-acetamido-2-deoxy-beta-D-glucopyranose
4 non-polymer "URIDINE-5'-DIPHOSPHATE"
5 non-polymer '(2S)-3-(hexadecanoyloxy)-2-[(9Z)-octadec-9-enoyloxy]propyl 2-(trimethylammonio)ethyl phosphate'
#
_entity_poly.entity_id   1
_entity_poly.type   'polypeptide(L)'
_entity_poly.pdbx_seq_one_letter_code
;MSDQNNRSRNEYHSNRKNEPSYELQNAHSGLFHSSNEELTNRNQRYTNQNASMGSFTPVQSLQFPEQSQQTNMLYNGDDG
NNNTINDNERDIYGGFVNHHRQRPPPATAEYNDVFNTNSQQLPSEHQYNNVPSYPLPSINVIQTTPELIHNGSQTMATPI
ERPFFNENDYYYNNRNSRTSPSIASSSDGYADQEARPILEQPNNNMNSGNIPQYHDQPFGYNNGYHGLQAKDYYDDPEGG
YIDQRGDDYQINSYLGRNGEMVDPYDYENSLRHMTPMERREYLHDDSRPVNDGKEELDSVKSGYSHRDLGEYDKDDFSRD
DEYDDLNTIDKLQFQANGVPASSSVSSIGSKESDIIVSNDNLTANRALKRSGTEIRKFKLWNGNFVFDSPISKTLLDQYA
TTTENANTLPNEFKFMRYQAVTCEPNQLAEKNFTVRQLKYLTPRETELMLVVTMYNEDHILLGRTLKGIMDNVKYMVKKK
NSSTWGPDAWKKIVVCIISDGRSKINERSLALLSSLGCYQDGFAKDEINEKKVAMHVYEHTTMINITNISESEVSLECNQ
GTVPIQLLFCLKEQNQKKINSHRWAFEGFAELLRPNIVTLLDAGTMPGKDSIYQLWREFRNPNVGGACGEIRTDLGKRFV
KLLNPLVASQNFEYKMSNILDKTTESNFGFITVLPGAFSAYRFEAVRGQPLQKYFYGEIMENEGFHFFSSNMYLAEDRIL
CFEVVTKKNCNWILKYCRSSYASTDVPERVPEFILQRRRWLNGSFFASVYSFCHFYRVWSSGHNIGRKLLLTVEFFYLFF
NTLISWFSLSSFFLVFRILTVSIALAYHSAFNVLSVIFLWLYGICTLSTFILSLGNKPKSTEKFYVLTCVIFAVMMIYMI
FCSIFMSVKSFQNILKNDTISFEGLITTEAFRDIVISLGSTYCLYLISSIIYLQPWHMLTSFIQYILLSPSYINVLNIYA
FCNVHDLSWGTKGAMANPLGKINTTEDGTFKMEVLVSSSEIQANYDKYLKVLNDFDPKSESRPTEPSYDEKKTGYYANVR
SLVIIFWVITNFIIVAVVLETGGIADYIAMKSISTDDTLETAKKAEIPLMTSKASIYFNVILWLVALSALIRFIGCSIYM
IVRFFKKVTFR
;
_entity_poly.pdbx_strand_id   A,B
#
# COMPACT_ATOMS: atom_id res chain seq x y z
N PHE A 415 19.68 -9.33 -51.53
CA PHE A 415 19.72 -10.38 -50.53
C PHE A 415 19.36 -9.84 -49.14
N MET A 416 18.54 -10.60 -48.43
CA MET A 416 18.08 -10.27 -47.08
C MET A 416 18.73 -11.23 -46.11
N ARG A 417 19.37 -10.70 -45.07
CA ARG A 417 20.08 -11.57 -44.10
C ARG A 417 19.40 -11.54 -42.73
N TYR A 418 19.78 -12.43 -41.82
CA TYR A 418 19.20 -12.46 -40.44
C TYR A 418 20.22 -13.04 -39.47
N GLN A 419 20.23 -12.54 -38.22
CA GLN A 419 21.20 -13.04 -37.20
C GLN A 419 20.47 -13.20 -35.86
N ALA A 420 20.61 -14.36 -35.21
CA ALA A 420 19.95 -14.61 -33.92
C ALA A 420 20.98 -14.57 -32.79
N VAL A 421 21.10 -13.42 -32.12
CA VAL A 421 22.10 -13.28 -31.01
C VAL A 421 21.69 -14.24 -29.90
N THR A 422 22.67 -14.81 -29.19
CA THR A 422 22.37 -15.81 -28.13
C THR A 422 23.06 -15.40 -26.83
N CYS A 423 24.18 -14.67 -26.93
CA CYS A 423 24.94 -14.27 -25.71
C CYS A 423 24.71 -12.78 -25.41
N GLU A 424 24.85 -12.40 -24.14
CA GLU A 424 24.64 -10.99 -23.74
C GLU A 424 25.53 -10.07 -24.58
N PRO A 425 25.26 -8.74 -24.64
CA PRO A 425 26.03 -7.81 -25.46
C PRO A 425 27.52 -7.87 -25.11
N ASN A 426 27.84 -8.00 -23.82
CA ASN A 426 29.27 -7.99 -23.40
C ASN A 426 30.03 -9.08 -24.15
N GLN A 427 29.41 -10.24 -24.36
CA GLN A 427 30.10 -11.38 -25.03
C GLN A 427 29.84 -11.35 -26.53
N LEU A 428 29.05 -10.37 -27.01
CA LEU A 428 28.69 -10.31 -28.45
C LEU A 428 29.96 -10.19 -29.29
N VAL A 435 27.91 -6.25 -36.77
CA VAL A 435 26.86 -5.61 -37.61
C VAL A 435 27.28 -5.64 -39.07
N ARG A 436 26.35 -5.40 -39.99
CA ARG A 436 26.64 -5.43 -41.44
C ARG A 436 27.65 -4.34 -41.81
N GLN A 437 27.56 -3.18 -41.18
CA GLN A 437 28.45 -2.04 -41.54
C GLN A 437 29.90 -2.56 -41.57
N LEU A 438 30.33 -3.25 -40.51
CA LEU A 438 31.72 -3.77 -40.44
C LEU A 438 31.90 -4.86 -41.50
N LYS A 439 30.84 -5.65 -41.74
CA LYS A 439 30.91 -6.74 -42.76
C LYS A 439 30.79 -6.13 -44.15
N TYR A 440 31.84 -5.46 -44.62
CA TYR A 440 31.79 -4.79 -45.96
C TYR A 440 33.20 -4.70 -46.53
N LEU A 441 33.32 -4.61 -47.86
CA LEU A 441 34.64 -4.53 -48.52
C LEU A 441 35.39 -3.30 -47.98
N THR A 442 34.72 -2.14 -47.95
CA THR A 442 35.35 -0.92 -47.38
C THR A 442 34.67 -0.61 -46.04
N PRO A 443 35.38 -0.64 -44.89
CA PRO A 443 34.74 -0.44 -43.59
C PRO A 443 33.83 0.79 -43.60
N ARG A 444 32.52 0.58 -43.50
CA ARG A 444 31.56 1.72 -43.44
C ARG A 444 31.76 2.46 -42.12
N GLU A 445 31.43 3.76 -42.09
CA GLU A 445 31.56 4.54 -40.84
C GLU A 445 30.18 4.85 -40.28
N THR A 446 29.93 4.51 -39.00
CA THR A 446 28.63 4.87 -38.36
C THR A 446 28.73 6.32 -37.89
N GLU A 447 28.66 7.27 -38.83
CA GLU A 447 28.74 8.71 -38.48
C GLU A 447 27.59 9.04 -37.55
N LEU A 448 26.52 8.23 -37.57
CA LEU A 448 25.37 8.44 -36.66
C LEU A 448 24.57 7.14 -36.61
N MET A 449 24.25 6.64 -35.42
CA MET A 449 23.41 5.43 -35.30
C MET A 449 22.12 5.78 -34.57
N LEU A 450 20.95 5.53 -35.20
CA LEU A 450 19.66 5.95 -34.59
C LEU A 450 19.01 4.73 -33.96
N VAL A 451 18.79 4.73 -32.65
CA VAL A 451 18.24 3.54 -31.94
C VAL A 451 16.74 3.73 -31.74
N VAL A 452 15.92 2.85 -32.34
CA VAL A 452 14.43 2.96 -32.24
C VAL A 452 13.93 1.97 -31.19
N THR A 453 13.54 2.47 -30.02
CA THR A 453 12.99 1.59 -28.95
C THR A 453 11.49 1.43 -29.17
N MET A 454 11.03 0.20 -29.41
CA MET A 454 9.57 -0.06 -29.58
C MET A 454 9.19 -1.23 -28.67
N TYR A 455 8.16 -1.04 -27.83
CA TYR A 455 7.70 -2.12 -26.92
C TYR A 455 6.49 -2.80 -27.56
N ASN A 456 5.34 -2.12 -27.58
CA ASN A 456 4.13 -2.67 -28.24
C ASN A 456 3.41 -1.49 -28.91
N GLU A 457 4.17 -0.57 -29.50
CA GLU A 457 3.57 0.66 -30.10
C GLU A 457 2.65 0.28 -31.27
N ASP A 458 1.64 1.12 -31.54
CA ASP A 458 0.72 0.88 -32.68
C ASP A 458 1.51 1.03 -33.99
N HIS A 459 1.04 0.39 -35.06
CA HIS A 459 1.73 0.48 -36.37
C HIS A 459 1.98 1.96 -36.70
N ILE A 460 0.95 2.80 -36.57
CA ILE A 460 1.08 4.24 -36.90
C ILE A 460 2.17 4.86 -36.02
N LEU A 461 2.22 4.47 -34.74
CA LEU A 461 3.22 5.08 -33.81
C LEU A 461 4.63 4.79 -34.32
N LEU A 462 5.02 3.51 -34.40
CA LEU A 462 6.40 3.16 -34.83
C LEU A 462 6.63 3.68 -36.25
N GLY A 463 5.61 3.57 -37.10
CA GLY A 463 5.72 4.06 -38.49
C GLY A 463 6.03 5.54 -38.53
N ARG A 464 5.50 6.31 -37.58
CA ARG A 464 5.72 7.77 -37.55
C ARG A 464 7.23 8.04 -37.49
N THR A 465 7.94 7.39 -36.56
CA THR A 465 9.39 7.65 -36.40
C THR A 465 10.12 7.32 -37.70
N LEU A 466 9.91 6.13 -38.25
CA LEU A 466 10.63 5.71 -39.48
C LEU A 466 10.28 6.68 -40.63
N LYS A 467 9.03 7.14 -40.68
CA LYS A 467 8.60 8.10 -41.73
C LYS A 467 9.38 9.41 -41.56
N GLY A 468 9.43 9.92 -40.32
CA GLY A 468 10.20 11.16 -40.05
C GLY A 468 11.67 10.96 -40.38
N ILE A 469 12.22 9.79 -40.09
CA ILE A 469 13.67 9.52 -40.32
C ILE A 469 13.96 9.59 -41.82
N MET A 470 13.14 8.92 -42.64
CA MET A 470 13.41 8.89 -44.10
C MET A 470 13.71 10.30 -44.59
N ASP A 471 12.72 11.19 -44.54
CA ASP A 471 12.90 12.58 -44.95
C ASP A 471 14.27 13.12 -44.53
N ASN A 472 14.72 12.78 -43.33
CA ASN A 472 16.03 13.25 -42.88
C ASN A 472 17.13 12.76 -43.81
N VAL A 473 17.09 11.48 -44.19
CA VAL A 473 18.12 10.96 -45.08
C VAL A 473 17.98 11.54 -46.47
N LYS A 474 16.75 11.82 -46.92
CA LYS A 474 16.57 12.50 -48.20
C LYS A 474 17.28 13.86 -48.20
N TYR A 475 17.07 14.65 -47.14
CA TYR A 475 17.78 15.92 -47.05
C TYR A 475 19.28 15.71 -47.03
N MET A 476 19.74 14.73 -46.24
CA MET A 476 21.18 14.49 -46.15
C MET A 476 21.78 14.09 -47.48
N VAL A 477 21.01 13.47 -48.37
CA VAL A 477 21.58 13.01 -49.62
C VAL A 477 21.50 14.07 -50.73
N LYS A 478 20.48 14.93 -50.72
CA LYS A 478 20.43 15.90 -51.81
C LYS A 478 21.23 17.18 -51.55
N LYS A 479 22.03 17.23 -50.49
CA LYS A 479 22.89 18.39 -50.31
C LYS A 479 24.06 18.37 -51.28
N LYS A 480 24.64 19.54 -51.52
CA LYS A 480 25.71 19.71 -52.49
C LYS A 480 27.05 20.08 -51.87
N ASN A 481 27.09 21.17 -51.09
CA ASN A 481 28.35 21.70 -50.58
C ASN A 481 28.59 21.14 -49.18
N SER A 482 29.22 19.98 -49.11
CA SER A 482 29.54 19.36 -47.83
C SER A 482 30.62 18.31 -48.04
N SER A 483 31.61 18.29 -47.15
CA SER A 483 32.68 17.32 -47.22
C SER A 483 32.25 15.94 -46.72
N THR A 484 31.33 15.90 -45.76
CA THR A 484 30.91 14.64 -45.15
C THR A 484 29.70 14.04 -45.86
N TRP A 485 28.69 14.85 -46.16
CA TRP A 485 27.48 14.38 -46.79
C TRP A 485 27.48 14.73 -48.28
N GLY A 486 26.50 14.18 -48.99
CA GLY A 486 26.36 14.41 -50.40
C GLY A 486 25.48 13.35 -51.04
N PRO A 487 25.66 13.12 -52.33
CA PRO A 487 24.90 12.05 -52.99
C PRO A 487 25.17 10.68 -52.41
N ASP A 488 26.29 10.51 -51.69
CA ASP A 488 26.64 9.25 -51.05
C ASP A 488 26.39 9.28 -49.54
N ALA A 489 25.53 10.18 -49.07
CA ALA A 489 25.32 10.31 -47.63
C ALA A 489 24.55 9.13 -47.05
N TRP A 490 23.76 8.43 -47.87
CA TRP A 490 22.92 7.35 -47.36
C TRP A 490 23.74 6.22 -46.76
N LYS A 491 24.98 6.03 -47.21
CA LYS A 491 25.80 4.93 -46.72
C LYS A 491 26.14 5.08 -45.24
N LYS A 492 26.46 6.29 -44.80
CA LYS A 492 27.06 6.51 -43.49
C LYS A 492 26.04 6.73 -42.39
N ILE A 493 24.79 6.30 -42.58
CA ILE A 493 23.79 6.27 -41.51
C ILE A 493 23.26 4.86 -41.41
N VAL A 494 23.15 4.36 -40.18
CA VAL A 494 22.57 3.05 -39.90
C VAL A 494 21.42 3.26 -38.92
N VAL A 495 20.25 2.74 -39.26
CA VAL A 495 19.07 2.85 -38.41
C VAL A 495 18.83 1.50 -37.78
N CYS A 496 18.95 1.43 -36.47
CA CYS A 496 18.73 0.20 -35.71
C CYS A 496 17.39 0.28 -35.00
N ILE A 497 16.51 -0.68 -35.29
CA ILE A 497 15.19 -0.76 -34.69
C ILE A 497 15.27 -1.83 -33.60
N ILE A 498 15.37 -1.39 -32.35
CA ILE A 498 15.47 -2.32 -31.22
C ILE A 498 14.08 -2.55 -30.64
N SER A 499 13.54 -3.74 -30.90
CA SER A 499 12.20 -4.11 -30.45
C SER A 499 12.29 -4.92 -29.17
N ASP A 500 11.44 -4.56 -28.20
CA ASP A 500 11.50 -5.18 -26.85
C ASP A 500 10.36 -6.18 -26.63
N GLY A 501 10.56 -7.43 -27.03
CA GLY A 501 9.60 -8.50 -26.79
C GLY A 501 8.74 -8.85 -27.98
N ARG A 502 8.91 -10.04 -28.54
CA ARG A 502 8.13 -10.43 -29.71
C ARG A 502 6.69 -10.74 -29.34
N SER A 503 6.45 -11.28 -28.14
CA SER A 503 5.12 -11.74 -27.78
C SER A 503 4.13 -10.59 -27.70
N LYS A 504 4.57 -9.46 -27.14
CA LYS A 504 3.72 -8.30 -26.95
C LYS A 504 3.65 -7.40 -28.16
N ILE A 505 4.50 -7.64 -29.17
CA ILE A 505 4.53 -6.77 -30.34
C ILE A 505 3.22 -6.90 -31.12
N ASN A 506 2.90 -5.85 -31.88
CA ASN A 506 1.71 -5.84 -32.73
C ASN A 506 2.12 -6.24 -34.14
N GLU A 507 1.47 -7.28 -34.68
CA GLU A 507 1.84 -7.78 -36.00
C GLU A 507 1.49 -6.80 -37.12
N ARG A 508 0.66 -5.79 -36.84
CA ARG A 508 0.38 -4.77 -37.83
C ARG A 508 1.64 -4.02 -38.24
N SER A 509 2.41 -3.57 -37.24
CA SER A 509 3.67 -2.88 -37.52
C SER A 509 4.68 -3.82 -38.15
N LEU A 510 4.65 -5.10 -37.81
CA LEU A 510 5.53 -6.06 -38.46
C LEU A 510 5.17 -6.24 -39.93
N ALA A 511 3.88 -6.23 -40.27
CA ALA A 511 3.47 -6.24 -41.67
C ALA A 511 3.95 -4.97 -42.36
N LEU A 512 3.85 -3.83 -41.68
CA LEU A 512 4.39 -2.58 -42.20
C LEU A 512 5.87 -2.72 -42.54
N LEU A 513 6.65 -3.27 -41.62
CA LEU A 513 8.09 -3.42 -41.84
C LEU A 513 8.38 -4.45 -42.93
N SER A 514 7.53 -5.47 -43.05
CA SER A 514 7.72 -6.46 -44.10
C SER A 514 7.45 -5.85 -45.47
N SER A 515 6.48 -4.94 -45.56
CA SER A 515 6.27 -4.19 -46.79
C SER A 515 7.50 -3.40 -47.17
N LEU A 516 8.24 -2.90 -46.17
CA LEU A 516 9.53 -2.26 -46.40
C LEU A 516 10.61 -3.25 -46.81
N GLY A 517 10.34 -4.55 -46.72
CA GLY A 517 11.38 -5.54 -46.95
C GLY A 517 12.30 -5.76 -45.78
N CYS A 518 11.85 -5.44 -44.57
CA CYS A 518 12.69 -5.47 -43.38
C CYS A 518 12.34 -6.59 -42.42
N TYR A 519 11.18 -7.25 -42.60
CA TYR A 519 10.78 -8.32 -41.71
C TYR A 519 10.24 -9.49 -42.53
N ALA A 534 20.23 -13.99 -26.87
CA ALA A 534 18.77 -14.17 -26.98
C ALA A 534 18.16 -13.00 -27.74
N MET A 535 18.44 -12.91 -29.05
CA MET A 535 17.95 -11.76 -29.80
C MET A 535 17.94 -12.11 -31.27
N HIS A 536 17.09 -11.42 -32.03
CA HIS A 536 17.10 -11.52 -33.49
C HIS A 536 17.65 -10.23 -34.09
N VAL A 537 18.23 -10.36 -35.28
CA VAL A 537 18.80 -9.24 -36.00
C VAL A 537 18.38 -9.33 -37.46
N TYR A 538 17.68 -8.31 -37.94
CA TYR A 538 17.30 -8.19 -39.35
C TYR A 538 17.99 -6.97 -39.95
N GLU A 539 18.69 -7.15 -41.05
CA GLU A 539 19.32 -6.06 -41.77
C GLU A 539 18.91 -6.12 -43.23
N HIS A 540 18.40 -5.01 -43.74
CA HIS A 540 18.01 -4.92 -45.15
C HIS A 540 18.21 -3.49 -45.62
N THR A 541 18.31 -3.33 -46.94
CA THR A 541 18.40 -2.03 -47.57
C THR A 541 17.10 -1.77 -48.31
N THR A 542 16.27 -0.89 -47.77
CA THR A 542 14.98 -0.57 -48.39
C THR A 542 15.17 0.57 -49.39
N MET A 543 14.92 0.27 -50.66
CA MET A 543 14.97 1.27 -51.71
C MET A 543 13.64 2.02 -51.84
N ILE A 544 12.59 1.53 -51.20
CA ILE A 544 11.28 2.17 -51.22
C ILE A 544 11.16 3.10 -50.02
N ASN A 545 10.37 4.16 -50.16
CA ASN A 545 10.17 5.14 -49.11
C ASN A 545 8.68 5.27 -48.81
N ILE A 546 8.36 5.43 -47.55
CA ILE A 546 6.99 5.70 -47.11
C ILE A 546 6.79 7.22 -47.13
N THR A 547 5.93 7.69 -48.01
CA THR A 547 5.75 9.12 -48.21
C THR A 547 4.39 9.64 -47.78
N ASN A 548 3.42 8.77 -47.52
CA ASN A 548 2.09 9.21 -47.14
C ASN A 548 1.60 8.36 -45.98
N ILE A 549 1.11 9.03 -44.94
CA ILE A 549 0.52 8.38 -43.77
C ILE A 549 -0.76 9.11 -43.46
N SER A 550 -1.90 8.51 -43.80
CA SER A 550 -3.19 9.06 -43.47
C SER A 550 -3.60 8.58 -42.08
N GLU A 551 -4.87 8.76 -41.72
CA GLU A 551 -5.36 8.32 -40.42
C GLU A 551 -5.16 6.81 -40.22
N SER A 552 -5.27 6.03 -41.30
CA SER A 552 -5.12 4.58 -41.19
C SER A 552 -4.30 3.96 -42.32
N GLU A 553 -3.99 4.69 -43.39
CA GLU A 553 -3.30 4.14 -44.54
C GLU A 553 -1.90 4.72 -44.65
N VAL A 554 -0.93 3.85 -44.91
CA VAL A 554 0.45 4.23 -45.13
C VAL A 554 0.87 3.74 -46.51
N SER A 555 1.41 4.64 -47.32
CA SER A 555 1.70 4.34 -48.73
C SER A 555 3.19 4.13 -48.92
N LEU A 556 3.57 3.14 -49.72
CA LEU A 556 4.94 2.86 -50.07
C LEU A 556 5.13 2.94 -51.57
N GLU A 557 6.21 3.59 -52.00
CA GLU A 557 6.48 3.81 -53.42
C GLU A 557 7.97 3.71 -53.70
N CYS A 558 8.31 3.28 -54.91
CA CYS A 558 9.69 3.20 -55.38
C CYS A 558 9.77 3.91 -56.73
N PRO A 564 17.82 5.00 -50.69
CA PRO A 564 17.98 3.80 -49.88
C PRO A 564 18.14 4.13 -48.41
N ILE A 565 17.78 3.16 -47.56
CA ILE A 565 17.93 3.26 -46.12
C ILE A 565 18.49 1.94 -45.60
N GLN A 566 19.58 2.01 -44.83
CA GLN A 566 20.15 0.82 -44.21
C GLN A 566 19.43 0.59 -42.89
N LEU A 567 18.50 -0.36 -42.89
CA LEU A 567 17.72 -0.68 -41.70
C LEU A 567 18.34 -1.85 -40.96
N LEU A 568 18.25 -1.82 -39.64
CA LEU A 568 18.71 -2.91 -38.78
C LEU A 568 17.61 -3.15 -37.74
N PHE A 569 16.77 -4.15 -37.97
CA PHE A 569 15.63 -4.42 -37.11
C PHE A 569 16.05 -5.46 -36.09
N CYS A 570 16.33 -5.00 -34.88
CA CYS A 570 16.78 -5.88 -33.81
C CYS A 570 15.59 -6.26 -32.95
N LEU A 571 15.30 -7.57 -32.93
CA LEU A 571 14.10 -8.06 -32.20
C LEU A 571 14.55 -8.95 -31.04
N LYS A 572 14.06 -8.66 -29.84
CA LYS A 572 14.40 -9.38 -28.63
C LYS A 572 13.51 -10.63 -28.48
N GLU A 573 14.00 -11.57 -27.67
CA GLU A 573 13.24 -12.78 -27.37
C GLU A 573 12.23 -12.58 -26.25
N GLN A 574 12.66 -12.01 -25.14
CA GLN A 574 11.83 -11.95 -23.94
C GLN A 574 11.93 -10.56 -23.34
N ASN A 575 10.80 -10.08 -22.82
CA ASN A 575 10.71 -8.69 -22.41
C ASN A 575 11.69 -8.41 -21.29
N GLN A 576 12.49 -7.37 -21.47
CA GLN A 576 13.40 -6.86 -20.46
C GLN A 576 13.27 -5.34 -20.42
N LYS A 577 13.75 -4.74 -19.34
CA LYS A 577 13.70 -3.28 -19.22
C LYS A 577 14.51 -2.64 -20.34
N LYS A 578 14.12 -1.42 -20.73
CA LYS A 578 14.76 -0.67 -21.80
C LYS A 578 16.28 -0.62 -21.64
N ILE A 579 16.74 -0.60 -20.39
CA ILE A 579 18.16 -0.57 -20.09
C ILE A 579 18.85 -1.74 -20.76
N ASN A 580 18.15 -2.87 -20.89
CA ASN A 580 18.71 -4.00 -21.63
C ASN A 580 18.86 -3.67 -23.12
N SER A 581 17.88 -2.97 -23.69
CA SER A 581 18.01 -2.57 -25.09
C SER A 581 19.19 -1.63 -25.27
N HIS A 582 19.40 -0.70 -24.33
CA HIS A 582 20.56 0.17 -24.40
C HIS A 582 21.85 -0.62 -24.23
N ARG A 583 21.85 -1.61 -23.34
CA ARG A 583 22.97 -2.54 -23.22
C ARG A 583 23.34 -3.12 -24.56
N TRP A 584 22.34 -3.65 -25.28
CA TRP A 584 22.61 -4.20 -26.60
C TRP A 584 23.10 -3.13 -27.57
N ALA A 585 22.57 -1.92 -27.47
CA ALA A 585 22.99 -0.86 -28.37
C ALA A 585 24.45 -0.51 -28.18
N PHE A 586 24.91 -0.45 -26.93
CA PHE A 586 26.20 0.13 -26.58
C PHE A 586 27.30 -0.91 -26.38
N GLU A 587 27.07 -1.91 -25.52
CA GLU A 587 28.04 -3.00 -25.40
C GLU A 587 28.16 -3.78 -26.69
N GLY A 588 27.11 -3.80 -27.49
CA GLY A 588 27.09 -4.65 -28.66
C GLY A 588 27.44 -3.89 -29.93
N PHE A 589 26.42 -3.51 -30.69
CA PHE A 589 26.60 -3.04 -32.05
C PHE A 589 27.48 -1.80 -32.16
N ALA A 590 27.70 -1.07 -31.07
CA ALA A 590 28.63 0.06 -31.11
C ALA A 590 30.03 -0.42 -31.48
N GLU A 591 30.59 -1.34 -30.69
CA GLU A 591 31.95 -1.81 -30.96
C GLU A 591 32.07 -2.62 -32.24
N LEU A 592 30.97 -3.13 -32.78
CA LEU A 592 31.03 -3.67 -34.14
C LEU A 592 31.10 -2.53 -35.16
N LEU A 593 30.30 -1.49 -34.96
CA LEU A 593 30.22 -0.42 -35.94
C LEU A 593 31.31 0.63 -35.74
N ARG A 594 31.71 0.85 -34.48
CA ARG A 594 32.57 1.96 -34.07
C ARG A 594 31.93 3.29 -34.48
N PRO A 595 30.79 3.64 -33.89
CA PRO A 595 30.09 4.86 -34.30
C PRO A 595 30.85 6.10 -33.88
N ASN A 596 30.85 7.10 -34.75
CA ASN A 596 31.24 8.43 -34.33
C ASN A 596 30.18 9.03 -33.42
N ILE A 597 28.92 8.72 -33.69
CA ILE A 597 27.78 9.27 -32.97
C ILE A 597 26.74 8.17 -32.79
N VAL A 598 26.00 8.24 -31.69
CA VAL A 598 24.89 7.32 -31.45
C VAL A 598 23.67 8.13 -31.06
N THR A 599 22.60 8.00 -31.84
CA THR A 599 21.36 8.75 -31.64
C THR A 599 20.26 7.79 -31.20
N LEU A 600 19.45 8.22 -30.24
CA LEU A 600 18.42 7.38 -29.63
C LEU A 600 17.05 7.94 -29.98
N LEU A 601 16.20 7.09 -30.56
CA LEU A 601 14.83 7.44 -30.92
C LEU A 601 13.84 6.47 -30.31
N ASP A 602 12.63 6.95 -30.09
CA ASP A 602 11.52 6.12 -29.65
C ASP A 602 10.54 5.95 -30.80
N ALA A 603 10.04 4.74 -30.98
CA ALA A 603 8.95 4.54 -31.92
C ALA A 603 7.76 5.38 -31.48
N GLY A 604 7.14 6.06 -32.43
CA GLY A 604 6.10 7.00 -32.13
C GLY A 604 6.56 8.43 -31.96
N THR A 605 7.79 8.73 -32.35
CA THR A 605 8.31 10.09 -32.33
C THR A 605 8.71 10.51 -33.74
N MET A 606 8.39 11.75 -34.08
CA MET A 606 8.50 12.36 -35.40
C MET A 606 9.77 13.20 -35.53
N PRO A 607 10.89 12.64 -36.01
CA PRO A 607 12.01 13.51 -36.36
C PRO A 607 11.59 14.49 -37.44
N GLY A 608 12.01 15.72 -37.30
CA GLY A 608 11.54 16.78 -38.18
C GLY A 608 11.94 16.55 -39.63
N LYS A 609 11.52 17.50 -40.46
CA LYS A 609 11.91 17.45 -41.86
C LYS A 609 13.43 17.47 -42.01
N ASP A 610 14.12 18.17 -41.10
CA ASP A 610 15.56 18.32 -41.17
C ASP A 610 16.22 18.22 -39.79
N SER A 611 15.68 17.41 -38.87
CA SER A 611 16.17 17.43 -37.50
C SER A 611 17.51 16.72 -37.36
N ILE A 612 17.61 15.49 -37.88
CA ILE A 612 18.77 14.67 -37.55
C ILE A 612 20.06 15.26 -38.11
N TYR A 613 19.99 15.93 -39.27
CA TYR A 613 21.18 16.59 -39.80
C TYR A 613 21.61 17.75 -38.90
N GLN A 614 20.65 18.54 -38.41
CA GLN A 614 20.99 19.60 -37.48
C GLN A 614 21.59 19.04 -36.20
N LEU A 615 21.10 17.88 -35.76
CA LEU A 615 21.69 17.21 -34.60
C LEU A 615 23.13 16.81 -34.87
N TRP A 616 23.40 16.26 -36.05
CA TRP A 616 24.77 15.90 -36.40
C TRP A 616 25.68 17.12 -36.43
N ARG A 617 25.18 18.26 -36.89
CA ARG A 617 26.04 19.44 -37.02
C ARG A 617 26.57 19.96 -35.69
N GLU A 618 26.18 19.38 -34.56
CA GLU A 618 26.69 19.84 -33.28
C GLU A 618 28.07 19.28 -32.97
N PHE A 619 28.38 18.07 -33.44
CA PHE A 619 29.59 17.39 -33.03
C PHE A 619 30.79 17.71 -33.89
N ARG A 620 30.66 18.64 -34.83
CA ARG A 620 31.83 19.19 -35.52
C ARG A 620 32.75 19.93 -34.55
N ASN A 621 32.22 20.38 -33.41
CA ASN A 621 33.02 21.02 -32.37
C ASN A 621 33.64 19.95 -31.48
N PRO A 622 34.97 19.84 -31.41
CA PRO A 622 35.57 18.63 -30.80
C PRO A 622 35.27 18.45 -29.33
N ASN A 623 34.86 19.49 -28.61
CA ASN A 623 34.72 19.37 -27.17
C ASN A 623 33.34 18.89 -26.76
N VAL A 624 32.44 18.65 -27.71
CA VAL A 624 31.08 18.26 -27.41
C VAL A 624 31.04 16.76 -27.15
N GLY A 625 30.19 16.34 -26.22
CA GLY A 625 30.03 14.94 -25.91
C GLY A 625 28.66 14.38 -26.22
N GLY A 626 27.64 15.22 -26.11
CA GLY A 626 26.27 14.77 -26.34
C GLY A 626 25.40 15.91 -26.83
N ALA A 627 24.35 15.55 -27.58
CA ALA A 627 23.38 16.52 -28.07
C ALA A 627 22.02 15.85 -28.24
N CYS A 628 20.98 16.69 -28.29
CA CYS A 628 19.61 16.22 -28.36
C CYS A 628 18.77 17.22 -29.15
N GLY A 629 17.54 16.83 -29.43
CA GLY A 629 16.62 17.71 -30.13
C GLY A 629 15.37 18.04 -29.36
N GLU A 630 14.79 19.22 -29.63
CA GLU A 630 13.57 19.65 -28.96
C GLU A 630 12.41 18.73 -29.30
N ILE A 631 11.52 18.51 -28.33
CA ILE A 631 10.40 17.60 -28.46
C ILE A 631 9.10 18.40 -28.45
N ARG A 632 8.35 18.31 -29.54
CA ARG A 632 7.03 18.92 -29.64
C ARG A 632 5.94 17.88 -29.42
N THR A 633 4.78 18.34 -28.94
CA THR A 633 3.65 17.41 -28.69
C THR A 633 2.80 17.37 -29.96
N ASP A 634 2.16 16.22 -30.23
CA ASP A 634 1.26 16.14 -31.41
C ASP A 634 -0.11 16.65 -30.98
N LEU A 635 -0.43 17.90 -31.31
CA LEU A 635 -1.71 18.50 -30.86
C LEU A 635 -2.82 18.04 -31.81
N GLY A 636 -2.50 17.16 -32.77
CA GLY A 636 -3.54 16.60 -33.65
C GLY A 636 -3.86 17.49 -34.84
N LYS A 637 -4.47 16.91 -35.87
CA LYS A 637 -4.83 17.70 -37.09
C LYS A 637 -5.66 18.90 -36.66
N ARG A 638 -5.35 20.08 -37.20
CA ARG A 638 -6.09 21.32 -36.85
C ARG A 638 -6.02 21.54 -35.32
N PHE A 639 -4.93 21.11 -34.69
CA PHE A 639 -4.78 21.25 -33.21
C PHE A 639 -6.03 20.70 -32.51
N VAL A 640 -6.52 19.53 -32.95
CA VAL A 640 -7.74 18.91 -32.35
C VAL A 640 -7.41 18.37 -30.95
N LYS A 641 -6.35 17.57 -30.83
CA LYS A 641 -6.00 16.94 -29.52
C LYS A 641 -5.78 18.05 -28.49
N LEU A 642 -5.69 19.30 -28.94
CA LEU A 642 -5.57 20.43 -28.00
C LEU A 642 -6.83 20.45 -27.14
N LEU A 643 -7.80 19.58 -27.46
CA LEU A 643 -9.06 19.47 -26.67
C LEU A 643 -8.77 18.69 -25.39
N ASN A 644 -8.41 17.41 -25.51
CA ASN A 644 -8.03 16.63 -24.30
C ASN A 644 -7.24 17.57 -23.39
N PRO A 645 -7.82 18.07 -22.28
CA PRO A 645 -7.10 19.07 -21.47
C PRO A 645 -5.67 18.60 -21.17
N LEU A 646 -5.47 17.28 -21.03
CA LEU A 646 -4.11 16.74 -20.73
C LEU A 646 -3.17 17.00 -21.90
N VAL A 647 -3.60 16.71 -23.13
CA VAL A 647 -2.71 16.85 -24.32
C VAL A 647 -2.31 18.33 -24.50
N ALA A 648 -3.06 19.25 -23.89
CA ALA A 648 -2.68 20.68 -23.96
C ALA A 648 -2.00 21.09 -22.65
N SER A 649 -1.93 20.18 -21.68
CA SER A 649 -1.19 20.45 -20.43
C SER A 649 0.22 19.90 -20.57
N GLN A 650 0.39 18.82 -21.35
CA GLN A 650 1.74 18.26 -21.62
C GLN A 650 2.37 19.06 -22.75
N ASN A 651 1.56 19.75 -23.56
CA ASN A 651 2.08 20.57 -24.68
C ASN A 651 2.86 21.76 -24.11
N PHE A 652 2.26 22.52 -23.20
CA PHE A 652 2.94 23.69 -22.60
C PHE A 652 4.02 23.19 -21.65
N GLU A 653 3.97 21.91 -21.31
CA GLU A 653 5.01 21.31 -20.41
C GLU A 653 6.18 20.83 -21.27
N TYR A 654 5.95 20.52 -22.55
CA TYR A 654 7.09 20.15 -23.39
C TYR A 654 7.67 21.38 -24.08
N LYS A 655 6.80 22.27 -24.58
CA LYS A 655 7.28 23.44 -25.29
C LYS A 655 8.17 24.30 -24.40
N MET A 656 7.70 24.63 -23.20
CA MET A 656 8.52 25.49 -22.36
C MET A 656 9.71 24.77 -21.74
N SER A 657 9.62 23.45 -21.51
CA SER A 657 10.81 22.73 -21.06
C SER A 657 11.92 22.82 -22.10
N ASN A 658 11.58 22.58 -23.38
CA ASN A 658 12.59 22.70 -24.43
C ASN A 658 13.07 24.14 -24.58
N ILE A 659 12.19 25.11 -24.37
CA ILE A 659 12.63 26.50 -24.53
C ILE A 659 13.61 26.90 -23.43
N LEU A 660 13.38 26.45 -22.19
CA LEU A 660 14.13 26.97 -21.06
C LEU A 660 15.22 26.02 -20.57
N ASP A 661 14.86 24.79 -20.18
CA ASP A 661 15.78 23.98 -19.40
C ASP A 661 16.94 23.47 -20.26
N LYS A 662 16.65 23.00 -21.47
CA LYS A 662 17.70 22.46 -22.31
C LYS A 662 18.72 23.54 -22.65
N THR A 663 18.27 24.74 -23.00
CA THR A 663 19.22 25.80 -23.32
C THR A 663 20.03 26.23 -22.10
N THR A 664 19.37 26.38 -20.95
CA THR A 664 20.12 26.78 -19.76
C THR A 664 21.18 25.74 -19.41
N GLU A 665 20.82 24.47 -19.38
CA GLU A 665 21.79 23.44 -19.04
C GLU A 665 22.90 23.33 -20.08
N SER A 666 22.55 23.46 -21.37
CA SER A 666 23.56 23.33 -22.41
C SER A 666 24.50 24.53 -22.46
N ASN A 667 24.11 25.68 -21.93
CA ASN A 667 25.06 26.77 -21.79
C ASN A 667 26.22 26.40 -20.89
N PHE A 668 25.93 25.76 -19.76
CA PHE A 668 26.96 25.48 -18.76
C PHE A 668 27.83 24.30 -19.16
N GLY A 669 27.26 23.27 -19.78
CA GLY A 669 28.07 22.20 -20.33
C GLY A 669 27.52 20.83 -20.05
N PHE A 670 26.69 20.70 -19.01
CA PHE A 670 26.14 19.42 -18.57
C PHE A 670 24.63 19.53 -18.62
N ILE A 671 24.00 18.79 -19.54
CA ILE A 671 22.56 18.76 -19.67
C ILE A 671 22.01 17.64 -18.80
N THR A 672 21.01 17.95 -17.97
CA THR A 672 20.51 16.98 -17.01
C THR A 672 20.12 15.67 -17.69
N VAL A 673 19.15 15.72 -18.59
CA VAL A 673 18.65 14.54 -19.28
C VAL A 673 18.77 14.77 -20.77
N LEU A 674 19.58 13.98 -21.43
CA LEU A 674 19.37 13.77 -22.85
C LEU A 674 18.06 13.02 -22.97
N PRO A 675 16.99 13.65 -23.46
CA PRO A 675 15.68 12.98 -23.45
C PRO A 675 15.70 11.70 -24.27
N GLY A 676 15.07 10.66 -23.73
CA GLY A 676 15.09 9.37 -24.39
C GLY A 676 14.48 9.39 -25.78
N ALA A 677 13.57 10.33 -26.04
CA ALA A 677 12.92 10.39 -27.34
C ALA A 677 13.92 10.70 -28.45
N PHE A 678 14.82 11.65 -28.22
CA PHE A 678 15.66 12.12 -29.33
C PHE A 678 16.93 12.74 -28.71
N SER A 679 18.02 11.95 -28.71
CA SER A 679 19.28 12.35 -28.09
C SER A 679 20.43 11.67 -28.81
N ALA A 680 21.64 12.21 -28.63
CA ALA A 680 22.82 11.69 -29.32
C ALA A 680 24.06 11.88 -28.46
N TYR A 681 24.86 10.82 -28.35
CA TYR A 681 26.13 10.81 -27.63
C TYR A 681 27.25 10.42 -28.57
N ARG A 682 28.38 11.13 -28.50
CA ARG A 682 29.59 10.65 -29.18
C ARG A 682 30.05 9.35 -28.52
N PHE A 683 30.38 8.33 -29.31
CA PHE A 683 30.73 7.05 -28.72
C PHE A 683 32.03 7.13 -27.93
N GLU A 684 33.05 7.79 -28.47
CA GLU A 684 34.34 7.83 -27.78
C GLU A 684 34.24 8.55 -26.44
N ALA A 685 33.30 9.47 -26.29
CA ALA A 685 33.10 10.12 -25.00
C ALA A 685 32.53 9.13 -23.98
N VAL A 686 31.41 8.50 -24.31
CA VAL A 686 30.76 7.58 -23.38
C VAL A 686 31.60 6.33 -23.17
N ARG A 687 32.50 6.01 -24.10
CA ARG A 687 33.21 4.74 -24.08
C ARG A 687 34.02 4.56 -22.81
N GLY A 688 33.91 3.39 -22.19
CA GLY A 688 34.72 3.05 -21.04
C GLY A 688 34.00 3.12 -19.70
N GLN A 689 34.43 4.06 -18.86
CA GLN A 689 33.85 4.19 -17.52
C GLN A 689 32.36 4.52 -17.52
N PRO A 690 31.87 5.50 -18.29
CA PRO A 690 30.43 5.82 -18.20
C PRO A 690 29.52 4.66 -18.57
N LEU A 691 29.84 3.94 -19.64
CA LEU A 691 29.07 2.74 -19.99
C LEU A 691 29.09 1.74 -18.85
N GLN A 692 30.26 1.50 -18.27
CA GLN A 692 30.39 0.49 -17.24
C GLN A 692 29.53 0.84 -16.02
N LYS A 693 29.59 2.10 -15.56
CA LYS A 693 28.84 2.47 -14.37
C LYS A 693 27.38 2.75 -14.66
N TYR A 694 27.00 2.93 -15.92
CA TYR A 694 25.59 3.02 -16.29
C TYR A 694 24.94 1.66 -16.40
N PHE A 695 25.70 0.66 -16.85
CA PHE A 695 25.17 -0.69 -16.99
C PHE A 695 25.21 -1.47 -15.68
N TYR A 696 26.42 -1.69 -15.15
CA TYR A 696 26.60 -2.69 -14.11
C TYR A 696 26.37 -2.15 -12.71
N GLY A 697 26.07 -0.87 -12.56
CA GLY A 697 25.97 -0.26 -11.25
C GLY A 697 27.35 0.05 -10.69
N GLU A 698 27.35 0.63 -9.49
CA GLU A 698 28.61 0.99 -8.85
C GLU A 698 29.38 -0.27 -8.49
N ILE A 699 30.59 -0.41 -9.04
CA ILE A 699 31.31 -1.68 -9.00
C ILE A 699 31.62 -2.08 -7.56
N MET A 700 32.16 -1.15 -6.78
CA MET A 700 32.63 -1.47 -5.43
C MET A 700 31.42 -1.68 -4.53
N GLU A 701 31.12 -2.94 -4.23
CA GLU A 701 29.95 -3.28 -3.43
C GLU A 701 30.20 -4.57 -2.68
N ASN A 702 29.76 -4.62 -1.44
CA ASN A 702 29.80 -5.83 -0.63
C ASN A 702 28.52 -6.64 -0.85
N GLU A 703 28.32 -7.69 -0.06
CA GLU A 703 27.10 -8.47 -0.18
C GLU A 703 25.88 -7.68 0.24
N GLY A 704 26.00 -6.90 1.32
CA GLY A 704 24.89 -6.06 1.75
C GLY A 704 24.69 -4.87 0.83
N PHE A 705 23.50 -4.29 0.91
CA PHE A 705 23.12 -3.18 0.05
C PHE A 705 23.42 -1.85 0.73
N HIS A 706 23.95 -0.91 -0.04
CA HIS A 706 24.06 0.49 0.34
C HIS A 706 23.07 1.31 -0.48
N PHE A 707 23.01 2.61 -0.18
CA PHE A 707 22.01 3.46 -0.81
C PHE A 707 22.21 3.52 -2.33
N PHE A 708 23.35 4.03 -2.76
CA PHE A 708 23.55 4.30 -4.19
C PHE A 708 23.68 2.99 -4.97
N SER A 709 24.68 2.17 -4.62
CA SER A 709 24.95 0.96 -5.39
C SER A 709 23.73 0.07 -5.53
N SER A 710 22.71 0.33 -4.69
CA SER A 710 21.46 -0.49 -4.70
C SER A 710 20.25 0.40 -4.99
N ASN A 711 20.43 1.64 -5.47
CA ASN A 711 19.21 2.43 -5.78
C ASN A 711 19.44 3.35 -6.99
N MET A 712 20.39 3.01 -7.87
CA MET A 712 20.72 3.89 -9.02
C MET A 712 19.90 3.48 -10.25
N TYR A 713 19.05 2.46 -10.10
CA TYR A 713 18.18 2.03 -11.23
C TYR A 713 17.14 3.11 -11.49
N LEU A 714 16.73 3.84 -10.45
CA LEU A 714 15.67 4.86 -10.60
C LEU A 714 16.11 5.87 -11.68
N ALA A 715 17.33 6.37 -11.59
CA ALA A 715 17.84 7.35 -12.58
C ALA A 715 18.47 6.59 -13.75
N GLU A 716 17.77 6.53 -14.89
CA GLU A 716 18.28 5.81 -16.08
C GLU A 716 18.68 6.85 -17.13
N ASP A 717 19.68 6.54 -17.96
CA ASP A 717 20.06 7.47 -19.07
C ASP A 717 20.29 8.86 -18.49
N ARG A 718 20.47 8.96 -17.17
CA ARG A 718 20.78 10.26 -16.53
C ARG A 718 22.16 10.10 -15.87
N ILE A 719 22.67 8.86 -15.82
CA ILE A 719 23.99 8.58 -15.29
C ILE A 719 25.06 8.73 -16.37
N LEU A 720 24.69 8.49 -17.63
CA LEU A 720 25.63 8.66 -18.73
C LEU A 720 26.14 10.09 -18.79
N CYS A 721 25.23 11.06 -18.64
CA CYS A 721 25.64 12.46 -18.66
C CYS A 721 26.70 12.74 -17.60
N PHE A 722 26.44 12.31 -16.36
CA PHE A 722 27.39 12.55 -15.28
C PHE A 722 28.73 11.91 -15.58
N GLU A 723 28.71 10.61 -15.88
CA GLU A 723 29.98 9.91 -16.03
C GLU A 723 30.73 10.33 -17.31
N VAL A 724 30.08 11.02 -18.24
CA VAL A 724 30.79 11.54 -19.40
C VAL A 724 31.37 12.92 -19.13
N VAL A 725 30.57 13.81 -18.54
CA VAL A 725 30.99 15.20 -18.39
C VAL A 725 32.16 15.31 -17.40
N THR A 726 32.12 14.54 -16.32
CA THR A 726 33.15 14.60 -15.28
C THR A 726 34.14 13.47 -15.43
N LYS A 727 34.47 13.09 -16.67
CA LYS A 727 35.41 12.02 -16.91
C LYS A 727 36.83 12.45 -16.56
N LYS A 728 37.64 11.49 -16.12
CA LYS A 728 39.02 11.79 -15.77
C LYS A 728 39.82 12.17 -17.01
N ASN A 729 40.52 13.31 -16.93
CA ASN A 729 41.43 13.76 -17.98
C ASN A 729 40.71 13.99 -19.31
N CYS A 730 39.45 14.42 -19.23
CA CYS A 730 38.67 14.72 -20.43
C CYS A 730 37.85 15.98 -20.19
N ASN A 731 37.57 16.70 -21.27
CA ASN A 731 36.88 17.98 -21.20
C ASN A 731 35.59 17.98 -22.00
N TRP A 732 34.79 16.93 -21.87
CA TRP A 732 33.59 16.76 -22.68
C TRP A 732 32.49 17.73 -22.28
N ILE A 733 31.73 18.19 -23.27
CA ILE A 733 30.66 19.15 -23.09
C ILE A 733 29.37 18.53 -23.63
N LEU A 734 28.24 18.99 -23.12
CA LEU A 734 26.92 18.60 -23.60
C LEU A 734 26.20 19.81 -24.17
N LYS A 735 25.66 19.68 -25.38
CA LYS A 735 24.96 20.78 -26.04
C LYS A 735 23.57 20.34 -26.47
N TYR A 736 22.70 21.33 -26.67
CA TYR A 736 21.32 21.11 -27.09
C TYR A 736 21.09 21.83 -28.40
N CYS A 737 20.59 21.08 -29.40
CA CYS A 737 20.47 21.58 -30.77
C CYS A 737 19.04 22.05 -30.99
N ARG A 738 18.87 23.38 -31.16
CA ARG A 738 17.55 23.95 -31.36
C ARG A 738 17.01 23.69 -32.76
N SER A 739 17.86 23.78 -33.77
CA SER A 739 17.41 23.70 -35.17
C SER A 739 16.87 22.33 -35.54
N SER A 740 16.81 21.38 -34.60
CA SER A 740 16.28 20.06 -34.83
C SER A 740 15.12 19.81 -33.88
N TYR A 741 14.00 19.31 -34.41
CA TYR A 741 12.82 19.10 -33.58
C TYR A 741 12.23 17.72 -33.85
N ALA A 742 11.56 17.20 -32.84
CA ALA A 742 10.82 15.95 -32.97
C ALA A 742 9.49 16.10 -32.25
N SER A 743 8.40 15.73 -32.90
CA SER A 743 7.07 15.86 -32.32
C SER A 743 6.58 14.50 -31.86
N THR A 744 6.24 14.40 -30.58
CA THR A 744 5.94 13.13 -29.94
C THR A 744 4.43 12.94 -29.84
N ASP A 745 4.05 11.71 -29.53
CA ASP A 745 2.69 11.40 -29.12
C ASP A 745 2.61 11.48 -27.60
N VAL A 746 1.42 11.80 -27.10
CA VAL A 746 1.24 11.91 -25.66
C VAL A 746 0.02 11.07 -25.27
N PRO A 747 0.07 10.43 -24.12
CA PRO A 747 -1.13 9.81 -23.56
C PRO A 747 -2.16 10.88 -23.24
N GLU A 748 -3.44 10.54 -23.46
CA GLU A 748 -4.52 11.50 -23.39
C GLU A 748 -5.55 11.22 -22.31
N ARG A 749 -5.39 10.17 -21.51
CA ARG A 749 -6.26 9.91 -20.37
C ARG A 749 -5.43 9.83 -19.10
N VAL A 750 -6.05 10.22 -17.99
CA VAL A 750 -5.34 10.50 -16.74
C VAL A 750 -4.60 9.30 -16.15
N PRO A 751 -5.17 8.10 -16.12
CA PRO A 751 -4.41 6.95 -15.57
C PRO A 751 -3.03 6.76 -16.19
N GLU A 752 -2.97 6.55 -17.51
CA GLU A 752 -1.67 6.28 -18.13
C GLU A 752 -0.74 7.48 -18.04
N PHE A 753 -1.30 8.68 -17.95
CA PHE A 753 -0.50 9.87 -17.67
C PHE A 753 0.26 9.72 -16.36
N ILE A 754 -0.44 9.35 -15.29
CA ILE A 754 0.20 9.21 -13.98
C ILE A 754 1.22 8.07 -14.01
N LEU A 755 0.85 6.95 -14.62
CA LEU A 755 1.80 5.84 -14.72
C LEU A 755 3.07 6.24 -15.46
N GLN A 756 2.97 7.11 -16.46
CA GLN A 756 4.17 7.53 -17.17
C GLN A 756 5.01 8.49 -16.35
N ARG A 757 4.38 9.50 -15.73
CA ARG A 757 5.17 10.51 -15.03
C ARG A 757 5.77 9.99 -13.73
N ARG A 758 5.27 8.88 -13.20
CA ARG A 758 5.93 8.35 -11.96
C ARG A 758 7.36 7.91 -12.29
N ARG A 759 7.61 7.39 -13.50
CA ARG A 759 8.99 7.08 -13.85
C ARG A 759 9.86 8.33 -13.85
N TRP A 760 9.36 9.40 -14.48
CA TRP A 760 10.16 10.61 -14.65
C TRP A 760 10.53 11.22 -13.31
N LEU A 761 9.57 11.31 -12.39
CA LEU A 761 9.84 11.98 -11.12
C LEU A 761 10.92 11.25 -10.33
N ASN A 762 10.79 9.92 -10.22
CA ASN A 762 11.78 9.13 -9.50
C ASN A 762 13.14 9.19 -10.17
N GLY A 763 13.17 9.12 -11.49
CA GLY A 763 14.45 9.22 -12.18
C GLY A 763 15.15 10.53 -11.90
N SER A 764 14.43 11.64 -12.00
CA SER A 764 15.05 12.94 -11.76
C SER A 764 15.55 13.05 -10.33
N PHE A 765 14.76 12.59 -9.36
CA PHE A 765 15.21 12.65 -7.97
C PHE A 765 16.48 11.86 -7.74
N PHE A 766 16.48 10.58 -8.09
CA PHE A 766 17.65 9.77 -7.77
C PHE A 766 18.88 10.23 -8.53
N ALA A 767 18.72 10.59 -9.80
CA ALA A 767 19.85 11.07 -10.58
C ALA A 767 20.43 12.35 -10.00
N SER A 768 19.58 13.30 -9.63
CA SER A 768 20.08 14.55 -9.09
C SER A 768 20.78 14.34 -7.76
N VAL A 769 20.19 13.53 -6.87
CA VAL A 769 20.82 13.29 -5.58
C VAL A 769 22.19 12.64 -5.76
N TYR A 770 22.28 11.60 -6.60
CA TYR A 770 23.57 10.96 -6.82
C TYR A 770 24.58 11.94 -7.40
N SER A 771 24.23 12.59 -8.50
CA SER A 771 25.19 13.42 -9.22
C SER A 771 25.63 14.60 -8.36
N PHE A 772 24.76 15.09 -7.47
CA PHE A 772 25.21 16.11 -6.53
C PHE A 772 26.12 15.53 -5.46
N CYS A 773 25.75 14.40 -4.87
CA CYS A 773 26.56 13.84 -3.80
C CYS A 773 27.92 13.37 -4.31
N HIS A 774 28.11 13.31 -5.62
CA HIS A 774 29.44 13.09 -6.19
C HIS A 774 29.92 14.29 -6.99
N PHE A 775 29.70 15.52 -6.48
CA PHE A 775 30.11 16.67 -7.28
C PHE A 775 31.62 16.88 -7.22
N TYR A 776 32.30 16.28 -6.25
CA TYR A 776 33.70 16.58 -6.02
C TYR A 776 34.59 16.12 -7.17
N ARG A 777 34.22 15.03 -7.85
CA ARG A 777 35.06 14.53 -8.93
C ARG A 777 34.99 15.38 -10.17
N VAL A 778 34.09 16.37 -10.22
CA VAL A 778 34.15 17.39 -11.26
C VAL A 778 35.54 17.98 -11.31
N TRP A 779 36.18 18.14 -10.15
CA TRP A 779 37.50 18.73 -10.04
C TRP A 779 38.61 17.72 -10.28
N SER A 780 38.28 16.45 -10.46
CA SER A 780 39.27 15.43 -10.79
C SER A 780 39.36 15.18 -12.29
N SER A 781 38.63 15.96 -13.08
CA SER A 781 38.50 15.72 -14.52
C SER A 781 39.66 16.39 -15.27
N GLY A 782 39.55 16.42 -16.59
CA GLY A 782 40.47 17.14 -17.44
C GLY A 782 39.97 18.49 -17.89
N HIS A 783 38.89 18.98 -17.30
CA HIS A 783 38.34 20.28 -17.67
C HIS A 783 39.31 21.39 -17.33
N ASN A 784 39.31 22.45 -18.13
CA ASN A 784 40.03 23.64 -17.76
C ASN A 784 39.36 24.31 -16.56
N ILE A 785 40.11 25.15 -15.86
CA ILE A 785 39.66 25.67 -14.57
C ILE A 785 38.33 26.41 -14.72
N GLY A 786 38.19 27.19 -15.79
CA GLY A 786 36.90 27.83 -16.05
C GLY A 786 35.78 26.83 -16.23
N ARG A 787 36.05 25.77 -16.99
CA ARG A 787 35.06 24.72 -17.19
C ARG A 787 34.73 24.02 -15.87
N LYS A 788 35.75 23.78 -15.04
CA LYS A 788 35.53 23.13 -13.75
C LYS A 788 34.63 23.98 -12.87
N LEU A 789 34.89 25.28 -12.81
CA LEU A 789 34.07 26.18 -12.01
C LEU A 789 32.65 26.23 -12.54
N LEU A 790 32.50 26.29 -13.87
CA LEU A 790 31.17 26.33 -14.47
C LEU A 790 30.37 25.09 -14.11
N LEU A 791 31.02 23.92 -14.19
CA LEU A 791 30.31 22.67 -13.93
C LEU A 791 29.98 22.50 -12.45
N THR A 792 30.87 22.95 -11.56
CA THR A 792 30.52 22.96 -10.14
C THR A 792 29.30 23.82 -9.88
N VAL A 793 29.29 25.04 -10.45
CA VAL A 793 28.15 25.94 -10.28
C VAL A 793 26.87 25.28 -10.80
N GLU A 794 26.95 24.65 -11.96
CA GLU A 794 25.73 24.09 -12.54
C GLU A 794 25.25 22.88 -11.76
N PHE A 795 26.15 22.05 -11.24
CA PHE A 795 25.72 20.91 -10.43
C PHE A 795 25.02 21.41 -9.18
N PHE A 796 25.56 22.46 -8.56
CA PHE A 796 24.85 23.05 -7.43
C PHE A 796 23.48 23.58 -7.85
N TYR A 797 23.38 24.10 -9.07
CA TYR A 797 22.10 24.61 -9.55
C TYR A 797 21.07 23.50 -9.71
N LEU A 798 21.48 22.36 -10.29
CA LEU A 798 20.58 21.22 -10.40
C LEU A 798 20.17 20.67 -9.03
N PHE A 799 21.11 20.58 -8.09
CA PHE A 799 20.70 20.08 -6.79
C PHE A 799 19.76 21.06 -6.09
N PHE A 800 19.95 22.36 -6.32
CA PHE A 800 18.99 23.36 -5.88
C PHE A 800 17.61 23.11 -6.47
N ASN A 801 17.54 22.83 -7.77
CA ASN A 801 16.24 22.57 -8.39
C ASN A 801 15.57 21.34 -7.80
N THR A 802 16.35 20.28 -7.56
CA THR A 802 15.77 19.07 -6.98
C THR A 802 15.34 19.31 -5.54
N LEU A 803 16.08 20.12 -4.80
CA LEU A 803 15.66 20.50 -3.47
C LEU A 803 14.34 21.25 -3.50
N ILE A 804 14.07 22.01 -4.57
CA ILE A 804 12.76 22.62 -4.71
C ILE A 804 11.70 21.59 -5.03
N SER A 805 11.99 20.68 -5.96
CA SER A 805 10.99 19.69 -6.37
C SER A 805 10.68 18.70 -5.26
N TRP A 806 11.52 18.61 -4.22
CA TRP A 806 11.20 17.77 -3.07
C TRP A 806 10.24 18.44 -2.11
N PHE A 807 10.35 19.76 -1.94
CA PHE A 807 9.44 20.52 -1.10
C PHE A 807 8.24 21.04 -1.87
N SER A 808 8.10 20.62 -3.13
CA SER A 808 6.95 21.00 -3.95
C SER A 808 5.61 20.74 -3.25
N LEU A 809 5.45 19.58 -2.61
CA LEU A 809 4.15 19.23 -2.04
C LEU A 809 3.74 20.20 -0.93
N SER A 810 4.64 20.46 0.02
CA SER A 810 4.33 21.43 1.05
C SER A 810 4.22 22.83 0.47
N SER A 811 4.99 23.16 -0.56
CA SER A 811 4.88 24.49 -1.14
C SER A 811 3.51 24.71 -1.75
N PHE A 812 2.98 23.72 -2.47
CA PHE A 812 1.65 23.89 -3.03
C PHE A 812 0.60 23.92 -1.95
N PHE A 813 0.72 23.07 -0.93
CA PHE A 813 -0.29 23.12 0.13
C PHE A 813 -0.31 24.48 0.81
N LEU A 814 0.86 25.04 1.13
CA LEU A 814 0.86 26.33 1.80
C LEU A 814 0.46 27.47 0.88
N VAL A 815 0.80 27.39 -0.42
CA VAL A 815 0.33 28.42 -1.33
C VAL A 815 -1.19 28.39 -1.42
N PHE A 816 -1.76 27.20 -1.65
CA PHE A 816 -3.21 27.06 -1.70
C PHE A 816 -3.86 27.50 -0.40
N ARG A 817 -3.33 27.04 0.73
CA ARG A 817 -3.99 27.24 2.00
C ARG A 817 -3.88 28.69 2.45
N ILE A 818 -2.71 29.30 2.29
CA ILE A 818 -2.56 30.71 2.65
C ILE A 818 -3.32 31.60 1.69
N LEU A 819 -3.35 31.23 0.40
CA LEU A 819 -4.08 32.02 -0.58
C LEU A 819 -5.58 31.99 -0.31
N THR A 820 -6.09 30.82 0.09
CA THR A 820 -7.51 30.69 0.41
C THR A 820 -7.85 31.38 1.73
N VAL A 821 -7.03 31.18 2.76
CA VAL A 821 -7.30 31.81 4.03
C VAL A 821 -7.16 33.32 3.93
N SER A 822 -6.31 33.81 3.03
CA SER A 822 -6.11 35.24 2.89
C SER A 822 -7.37 35.92 2.36
N ILE A 823 -7.93 35.39 1.29
CA ILE A 823 -9.17 35.93 0.74
C ILE A 823 -10.31 35.75 1.75
N ALA A 824 -10.31 34.59 2.39
CA ALA A 824 -11.34 34.26 3.40
C ALA A 824 -11.18 35.18 4.62
N LEU A 825 -9.98 35.73 4.83
CA LEU A 825 -9.74 36.59 6.02
C LEU A 825 -9.78 38.06 5.61
N ALA A 826 -10.12 38.35 4.35
CA ALA A 826 -10.29 39.76 3.92
C ALA A 826 -11.60 39.88 3.15
N TYR A 827 -11.83 38.99 2.19
CA TYR A 827 -13.12 38.96 1.43
C TYR A 827 -14.21 38.41 2.34
N HIS A 828 -13.86 37.47 3.21
CA HIS A 828 -14.87 36.82 4.09
C HIS A 828 -15.94 36.21 3.18
N SER A 829 -17.21 36.54 3.40
CA SER A 829 -18.29 36.08 2.49
C SER A 829 -18.23 34.57 2.23
N ALA A 830 -18.49 34.14 1.00
CA ALA A 830 -18.59 32.69 0.70
C ALA A 830 -17.20 32.06 0.61
N PHE A 831 -16.15 32.84 0.87
CA PHE A 831 -14.77 32.30 0.73
C PHE A 831 -14.42 31.45 1.95
N ASN A 832 -14.87 31.84 3.14
CA ASN A 832 -14.58 31.09 4.38
C ASN A 832 -15.16 29.67 4.26
N VAL A 833 -16.45 29.56 3.93
CA VAL A 833 -17.07 28.23 3.73
C VAL A 833 -16.33 27.52 2.60
N LEU A 834 -15.99 28.27 1.55
CA LEU A 834 -15.26 27.68 0.38
C LEU A 834 -13.83 27.37 0.81
N SER A 835 -13.33 28.04 1.85
CA SER A 835 -11.96 27.74 2.38
C SER A 835 -11.97 26.36 3.04
N VAL A 836 -12.86 26.14 4.00
CA VAL A 836 -12.97 24.82 4.69
C VAL A 836 -13.44 23.79 3.66
N ILE A 837 -14.32 24.20 2.74
CA ILE A 837 -14.85 23.26 1.71
C ILE A 837 -13.68 22.79 0.84
N PHE A 838 -12.87 23.72 0.35
CA PHE A 838 -11.70 23.37 -0.50
C PHE A 838 -10.65 22.68 0.38
N LEU A 839 -10.44 23.17 1.60
CA LEU A 839 -9.52 22.46 2.51
C LEU A 839 -10.04 21.03 2.65
N TRP A 840 -11.31 20.87 3.05
CA TRP A 840 -11.77 19.49 3.22
C TRP A 840 -11.70 18.71 1.92
N LEU A 841 -12.00 19.35 0.79
CA LEU A 841 -11.86 18.67 -0.49
C LEU A 841 -10.40 18.35 -0.78
N TYR A 842 -9.49 19.28 -0.49
CA TYR A 842 -8.08 19.00 -0.68
C TYR A 842 -7.64 17.86 0.22
N GLY A 843 -8.08 17.87 1.48
CA GLY A 843 -7.72 16.80 2.41
C GLY A 843 -8.25 15.46 1.99
N ILE A 844 -9.53 15.39 1.58
CA ILE A 844 -10.09 14.13 1.15
C ILE A 844 -9.39 13.63 -0.11
N CYS A 845 -9.14 14.53 -1.06
CA CYS A 845 -8.49 14.12 -2.30
C CYS A 845 -7.05 13.68 -2.06
N THR A 846 -6.34 14.37 -1.16
CA THR A 846 -4.94 14.05 -0.90
C THR A 846 -4.81 12.77 -0.08
N LEU A 847 -5.64 12.61 0.96
CA LEU A 847 -5.64 11.37 1.71
C LEU A 847 -6.04 10.20 0.82
N SER A 848 -7.05 10.41 -0.03
CA SER A 848 -7.44 9.38 -0.98
C SER A 848 -6.32 9.09 -1.97
N THR A 849 -5.51 10.10 -2.31
CA THR A 849 -4.41 9.88 -3.23
C THR A 849 -3.32 9.03 -2.58
N PHE A 850 -2.97 9.32 -1.32
CA PHE A 850 -2.08 8.41 -0.60
C PHE A 850 -2.65 7.00 -0.52
N ILE A 851 -3.92 6.86 -0.14
CA ILE A 851 -4.45 5.52 0.07
C ILE A 851 -4.57 4.77 -1.25
N LEU A 852 -4.94 5.45 -2.33
CA LEU A 852 -5.07 4.79 -3.63
C LEU A 852 -3.71 4.51 -4.25
N SER A 853 -2.71 5.34 -3.93
CA SER A 853 -1.37 5.12 -4.45
C SER A 853 -0.69 3.98 -3.72
N LEU A 854 -0.86 3.92 -2.39
CA LEU A 854 -0.23 2.88 -1.60
C LEU A 854 -0.92 1.54 -1.77
N GLY A 855 -2.25 1.52 -1.77
CA GLY A 855 -2.97 0.27 -1.80
C GLY A 855 -3.60 -0.10 -3.13
N ASN A 856 -4.03 0.89 -3.91
CA ASN A 856 -4.80 0.65 -5.12
C ASN A 856 -3.95 0.95 -6.35
N LYS A 857 -4.56 0.80 -7.52
CA LYS A 857 -3.93 1.06 -8.80
C LYS A 857 -4.71 2.14 -9.55
N PRO A 858 -4.06 2.85 -10.48
CA PRO A 858 -4.76 3.99 -11.10
C PRO A 858 -5.83 3.59 -12.10
N LYS A 859 -5.57 2.58 -12.93
CA LYS A 859 -6.56 2.17 -13.92
C LYS A 859 -7.88 1.77 -13.28
N SER A 860 -7.83 1.17 -12.08
CA SER A 860 -9.04 0.61 -11.50
C SER A 860 -9.98 1.69 -10.99
N THR A 861 -9.43 2.81 -10.53
CA THR A 861 -10.25 3.96 -10.11
C THR A 861 -9.99 5.14 -11.05
N GLU A 862 -10.70 5.14 -12.18
CA GLU A 862 -10.50 6.16 -13.20
C GLU A 862 -11.38 7.38 -12.97
N LYS A 863 -12.67 7.17 -12.74
CA LYS A 863 -13.58 8.28 -12.57
C LYS A 863 -13.23 9.10 -11.33
N PHE A 864 -12.67 8.45 -10.30
CA PHE A 864 -12.27 9.23 -9.13
C PHE A 864 -11.06 10.10 -9.43
N TYR A 865 -10.10 9.60 -10.20
CA TYR A 865 -9.02 10.48 -10.67
C TYR A 865 -9.53 11.60 -11.56
N VAL A 866 -10.48 11.33 -12.44
CA VAL A 866 -11.00 12.43 -13.26
C VAL A 866 -11.67 13.47 -12.37
N LEU A 867 -12.40 13.01 -11.35
CA LEU A 867 -13.02 13.95 -10.42
C LEU A 867 -11.97 14.68 -9.57
N THR A 868 -10.90 13.99 -9.18
CA THR A 868 -9.83 14.61 -8.43
C THR A 868 -9.16 15.70 -9.25
N CYS A 869 -8.91 15.42 -10.53
CA CYS A 869 -8.32 16.41 -11.40
C CYS A 869 -9.25 17.58 -11.63
N VAL A 870 -10.56 17.33 -11.71
CA VAL A 870 -11.50 18.44 -11.88
C VAL A 870 -11.60 19.25 -10.60
N ILE A 871 -11.55 18.60 -9.44
CA ILE A 871 -11.56 19.31 -8.17
C ILE A 871 -10.32 20.18 -8.04
N PHE A 872 -9.15 19.63 -8.39
CA PHE A 872 -7.94 20.42 -8.33
C PHE A 872 -7.95 21.54 -9.37
N ALA A 873 -8.60 21.31 -10.52
CA ALA A 873 -8.70 22.35 -11.53
C ALA A 873 -9.59 23.50 -11.05
N VAL A 874 -10.72 23.19 -10.43
CA VAL A 874 -11.56 24.27 -9.91
C VAL A 874 -10.89 24.92 -8.70
N MET A 875 -10.05 24.18 -7.98
CA MET A 875 -9.24 24.80 -6.95
C MET A 875 -8.27 25.80 -7.56
N MET A 876 -7.66 25.44 -8.69
CA MET A 876 -6.79 26.38 -9.37
C MET A 876 -7.56 27.60 -9.87
N ILE A 877 -8.77 27.39 -10.39
CA ILE A 877 -9.61 28.52 -10.78
C ILE A 877 -9.89 29.41 -9.57
N TYR A 878 -10.15 28.80 -8.41
CA TYR A 878 -10.41 29.57 -7.22
C TYR A 878 -9.18 30.36 -6.78
N MET A 879 -8.00 29.74 -6.83
CA MET A 879 -6.78 30.45 -6.45
C MET A 879 -6.49 31.60 -7.41
N ILE A 880 -6.72 31.39 -8.71
CA ILE A 880 -6.54 32.47 -9.68
C ILE A 880 -7.54 33.58 -9.44
N PHE A 881 -8.79 33.22 -9.15
CA PHE A 881 -9.81 34.20 -8.80
C PHE A 881 -9.38 35.03 -7.60
N CYS A 882 -8.91 34.37 -6.55
CA CYS A 882 -8.42 35.08 -5.37
C CYS A 882 -7.27 36.00 -5.74
N SER A 883 -6.34 35.49 -6.55
CA SER A 883 -5.20 36.29 -6.99
C SER A 883 -5.67 37.60 -7.61
N ILE A 884 -6.49 37.51 -8.66
CA ILE A 884 -6.91 38.70 -9.39
C ILE A 884 -7.74 39.61 -8.50
N PHE A 885 -8.68 39.03 -7.75
CA PHE A 885 -9.58 39.82 -6.91
C PHE A 885 -8.81 40.63 -5.88
N MET A 886 -7.93 39.96 -5.14
CA MET A 886 -7.15 40.64 -4.12
C MET A 886 -6.21 41.66 -4.73
N SER A 887 -5.63 41.34 -5.89
CA SER A 887 -4.72 42.28 -6.54
C SER A 887 -5.44 43.56 -6.94
N VAL A 888 -6.60 43.43 -7.61
CA VAL A 888 -7.30 44.63 -8.08
C VAL A 888 -7.84 45.43 -6.90
N LYS A 889 -8.28 44.75 -5.84
CA LYS A 889 -8.79 45.49 -4.69
C LYS A 889 -7.67 46.20 -3.94
N SER A 890 -6.47 45.60 -3.90
CA SER A 890 -5.33 46.31 -3.35
C SER A 890 -4.97 47.52 -4.20
N ILE A 914 3.00 40.41 -5.09
CA ILE A 914 2.54 39.19 -5.78
C ILE A 914 2.18 39.50 -7.22
N VAL A 915 1.51 40.63 -7.48
CA VAL A 915 1.13 40.95 -8.84
C VAL A 915 2.37 41.30 -9.66
N ILE A 916 3.32 42.02 -9.05
CA ILE A 916 4.57 42.34 -9.75
C ILE A 916 5.29 41.06 -10.16
N SER A 917 5.41 40.12 -9.22
CA SER A 917 6.14 38.88 -9.49
C SER A 917 5.42 38.03 -10.53
N LEU A 918 4.09 37.93 -10.45
CA LEU A 918 3.35 37.13 -11.42
C LEU A 918 3.45 37.71 -12.81
N GLY A 919 3.27 39.03 -12.94
CA GLY A 919 3.44 39.67 -14.23
C GLY A 919 4.86 39.50 -14.76
N SER A 920 5.85 39.61 -13.87
CA SER A 920 7.25 39.48 -14.29
C SER A 920 7.53 38.08 -14.81
N THR A 921 7.08 37.05 -14.10
CA THR A 921 7.36 35.69 -14.57
C THR A 921 6.61 35.39 -15.86
N TYR A 922 5.37 35.85 -15.99
CA TYR A 922 4.65 35.62 -17.25
C TYR A 922 5.31 36.35 -18.41
N CYS A 923 5.80 37.57 -18.16
CA CYS A 923 6.47 38.31 -19.21
C CYS A 923 7.81 37.69 -19.58
N LEU A 924 8.52 37.12 -18.59
CA LEU A 924 9.74 36.39 -18.91
C LEU A 924 9.44 35.17 -19.77
N TYR A 925 8.39 34.42 -19.40
CA TYR A 925 7.90 33.33 -20.24
C TYR A 925 7.66 33.80 -21.67
N LEU A 926 6.92 34.91 -21.82
CA LEU A 926 6.50 35.36 -23.14
C LEU A 926 7.67 35.87 -23.95
N ILE A 927 8.56 36.66 -23.34
CA ILE A 927 9.71 37.20 -24.04
C ILE A 927 10.65 36.08 -24.47
N SER A 928 10.78 35.06 -23.60
CA SER A 928 11.63 33.89 -23.94
C SER A 928 10.93 33.03 -24.99
N SER A 929 9.63 32.79 -24.81
CA SER A 929 8.89 31.93 -25.76
C SER A 929 8.97 32.51 -27.17
N ILE A 930 8.76 33.82 -27.30
CA ILE A 930 8.86 34.49 -28.63
C ILE A 930 10.31 34.42 -29.12
N ILE A 931 11.27 34.69 -28.22
CA ILE A 931 12.71 34.57 -28.59
C ILE A 931 12.95 33.19 -29.20
N TYR A 932 12.33 32.16 -28.62
CA TYR A 932 12.53 30.77 -29.12
C TYR A 932 11.78 30.61 -30.44
N LEU A 933 10.94 31.59 -30.81
CA LEU A 933 10.21 31.56 -32.10
C LEU A 933 9.10 30.51 -32.07
N GLN A 934 8.58 30.20 -30.87
CA GLN A 934 7.44 29.25 -30.75
C GLN A 934 6.49 29.75 -29.65
N PRO A 935 5.84 30.92 -29.81
CA PRO A 935 5.00 31.49 -28.75
C PRO A 935 3.50 31.18 -28.85
N TRP A 936 3.04 30.69 -30.00
CA TRP A 936 1.60 30.43 -30.21
C TRP A 936 1.06 29.51 -29.11
N HIS A 937 1.90 28.60 -28.60
CA HIS A 937 1.46 27.65 -27.56
C HIS A 937 0.91 28.42 -26.36
N MET A 938 1.49 29.59 -26.05
CA MET A 938 1.08 30.36 -24.84
C MET A 938 -0.39 30.81 -24.99
N LEU A 939 -1.03 30.53 -26.12
CA LEU A 939 -2.47 30.85 -26.26
C LEU A 939 -3.15 29.58 -26.75
N THR A 940 -2.35 28.55 -27.08
CA THR A 940 -2.92 27.25 -27.52
C THR A 940 -3.53 26.56 -26.30
N SER A 941 -4.25 27.33 -25.47
CA SER A 941 -4.81 26.79 -24.20
C SER A 941 -3.73 26.83 -23.10
N PHE A 942 -2.52 26.35 -23.40
CA PHE A 942 -1.39 26.44 -22.42
C PHE A 942 -1.91 26.45 -20.97
N ILE A 943 -1.69 27.55 -20.25
CA ILE A 943 -2.12 27.69 -18.82
C ILE A 943 -3.64 27.49 -18.73
N GLN A 944 -4.39 27.98 -19.73
CA GLN A 944 -5.86 27.73 -19.71
C GLN A 944 -6.06 26.24 -19.52
N TYR A 945 -5.21 25.42 -20.15
CA TYR A 945 -5.30 23.95 -19.96
C TYR A 945 -4.23 23.49 -18.97
N ILE A 946 -3.51 24.44 -18.35
CA ILE A 946 -2.50 24.08 -17.30
C ILE A 946 -3.24 23.90 -15.97
N LEU A 947 -4.56 23.99 -15.98
CA LEU A 947 -5.34 23.72 -14.74
C LEU A 947 -4.91 22.36 -14.23
N LEU A 948 -4.35 21.52 -15.12
CA LEU A 948 -3.85 20.18 -14.71
C LEU A 948 -2.60 20.36 -13.83
N SER A 949 -2.07 21.57 -13.74
CA SER A 949 -0.84 21.83 -12.95
C SER A 949 -1.07 21.44 -11.49
N PRO A 950 -2.15 21.91 -10.83
CA PRO A 950 -2.39 21.46 -9.46
C PRO A 950 -2.20 19.94 -9.39
N SER A 951 -2.77 19.21 -10.36
CA SER A 951 -2.63 17.77 -10.40
C SER A 951 -1.23 17.34 -10.75
N TYR A 952 -0.43 18.23 -11.34
CA TYR A 952 0.98 17.91 -11.57
C TYR A 952 1.75 17.91 -10.26
N ILE A 953 1.49 18.90 -9.41
CA ILE A 953 2.28 19.05 -8.20
C ILE A 953 1.91 18.01 -7.15
N ASN A 954 0.63 17.67 -7.02
CA ASN A 954 0.17 16.80 -5.94
C ASN A 954 -0.09 15.38 -6.35
N VAL A 955 -0.93 15.15 -7.35
CA VAL A 955 -1.32 13.80 -7.71
C VAL A 955 -0.15 13.03 -8.34
N LEU A 956 0.76 13.72 -9.03
CA LEU A 956 1.88 13.02 -9.62
C LEU A 956 2.99 12.78 -8.61
N ASN A 957 3.32 13.78 -7.78
CA ASN A 957 4.34 13.58 -6.77
C ASN A 957 3.92 12.55 -5.73
N ILE A 958 2.67 12.61 -5.26
CA ILE A 958 2.21 11.65 -4.27
C ILE A 958 2.34 10.24 -4.80
N TYR A 959 1.84 10.01 -6.02
CA TYR A 959 1.95 8.68 -6.60
C TYR A 959 3.39 8.33 -6.93
N ALA A 960 4.26 9.32 -7.11
CA ALA A 960 5.65 9.04 -7.47
C ALA A 960 6.44 8.56 -6.27
N PHE A 961 6.46 9.35 -5.19
CA PHE A 961 7.20 8.95 -4.00
C PHE A 961 6.50 7.84 -3.23
N CYS A 962 5.17 7.75 -3.28
CA CYS A 962 4.51 6.62 -2.65
C CYS A 962 4.77 5.31 -3.39
N ASN A 963 5.36 5.36 -4.58
CA ASN A 963 5.66 4.19 -5.38
C ASN A 963 7.10 4.22 -5.89
N VAL A 964 8.04 4.47 -4.99
CA VAL A 964 9.43 4.69 -5.39
C VAL A 964 9.96 3.51 -6.18
N HIS A 965 9.79 2.30 -5.66
CA HIS A 965 10.54 1.15 -6.17
C HIS A 965 9.70 0.20 -7.01
N ASP A 966 8.40 0.41 -7.14
CA ASP A 966 7.53 -0.43 -7.97
C ASP A 966 7.66 -1.91 -7.58
N LEU A 967 7.25 -2.20 -6.35
CA LEU A 967 7.43 -3.52 -5.78
C LEU A 967 6.51 -4.54 -6.42
N SER A 968 6.98 -5.80 -6.45
CA SER A 968 6.19 -6.95 -6.86
C SER A 968 6.55 -8.08 -5.90
N TRP A 969 5.76 -8.20 -4.83
CA TRP A 969 6.06 -9.16 -3.76
C TRP A 969 6.03 -10.59 -4.27
N TYR A 1028 17.33 -14.55 -2.82
CA TYR A 1028 17.94 -13.25 -3.13
C TYR A 1028 16.86 -12.23 -3.45
N ASP A 1029 15.77 -12.69 -4.07
CA ASP A 1029 14.72 -11.76 -4.49
C ASP A 1029 13.89 -11.29 -3.30
N GLU A 1030 13.64 -12.18 -2.34
CA GLU A 1030 12.80 -11.80 -1.21
C GLU A 1030 13.50 -10.79 -0.32
N LYS A 1031 14.78 -11.01 -0.01
CA LYS A 1031 15.53 -10.02 0.75
C LYS A 1031 15.64 -8.70 -0.02
N LYS A 1032 15.80 -8.79 -1.34
CA LYS A 1032 15.80 -7.59 -2.18
C LYS A 1032 14.50 -6.82 -2.03
N THR A 1033 13.37 -7.53 -2.12
CA THR A 1033 12.06 -6.88 -1.98
C THR A 1033 11.87 -6.29 -0.59
N GLY A 1034 12.31 -6.99 0.44
CA GLY A 1034 12.18 -6.45 1.78
C GLY A 1034 13.00 -5.19 1.98
N TYR A 1035 14.23 -5.17 1.49
CA TYR A 1035 15.06 -3.98 1.60
C TYR A 1035 14.47 -2.82 0.80
N TYR A 1036 13.97 -3.11 -0.41
CA TYR A 1036 13.37 -2.07 -1.23
C TYR A 1036 12.11 -1.53 -0.57
N ALA A 1037 11.31 -2.41 0.04
CA ALA A 1037 10.13 -1.97 0.77
C ALA A 1037 10.51 -1.06 1.93
N ASN A 1038 11.57 -1.41 2.67
CA ASN A 1038 11.99 -0.55 3.77
C ASN A 1038 12.48 0.80 3.26
N VAL A 1039 13.27 0.82 2.19
CA VAL A 1039 13.76 2.09 1.67
C VAL A 1039 12.60 2.93 1.12
N ARG A 1040 11.66 2.29 0.44
CA ARG A 1040 10.48 2.98 -0.08
C ARG A 1040 9.67 3.58 1.05
N SER A 1041 9.33 2.77 2.06
CA SER A 1041 8.54 3.22 3.19
C SER A 1041 9.31 4.17 4.08
N LEU A 1042 10.62 4.30 3.91
CA LEU A 1042 11.39 5.27 4.67
C LEU A 1042 11.54 6.60 3.96
N VAL A 1043 11.73 6.57 2.63
CA VAL A 1043 11.74 7.82 1.88
C VAL A 1043 10.36 8.46 1.92
N ILE A 1044 9.30 7.65 1.97
CA ILE A 1044 7.96 8.22 2.10
C ILE A 1044 7.82 8.98 3.42
N ILE A 1045 8.26 8.38 4.52
CA ILE A 1045 8.08 9.06 5.80
C ILE A 1045 9.01 10.25 5.92
N PHE A 1046 10.22 10.19 5.35
CA PHE A 1046 11.04 11.40 5.31
C PHE A 1046 10.40 12.49 4.46
N TRP A 1047 9.84 12.12 3.30
CA TRP A 1047 9.14 13.11 2.48
C TRP A 1047 8.05 13.78 3.29
N VAL A 1048 7.18 12.98 3.91
CA VAL A 1048 6.04 13.51 4.63
C VAL A 1048 6.49 14.33 5.83
N ILE A 1049 7.49 13.85 6.58
CA ILE A 1049 7.85 14.52 7.82
C ILE A 1049 8.67 15.78 7.54
N THR A 1050 9.54 15.77 6.53
CA THR A 1050 10.26 17.00 6.21
C THR A 1050 9.31 18.06 5.65
N ASN A 1051 8.44 17.67 4.72
CA ASN A 1051 7.42 18.60 4.25
C ASN A 1051 6.60 19.11 5.41
N PHE A 1052 6.25 18.24 6.36
CA PHE A 1052 5.42 18.69 7.46
C PHE A 1052 6.20 19.48 8.49
N ILE A 1053 7.51 19.35 8.56
CA ILE A 1053 8.29 20.26 9.40
C ILE A 1053 8.26 21.65 8.80
N ILE A 1054 8.36 21.73 7.46
CA ILE A 1054 8.17 23.03 6.80
C ILE A 1054 6.79 23.57 7.09
N VAL A 1055 5.77 22.71 6.94
CA VAL A 1055 4.39 23.10 7.18
C VAL A 1055 4.20 23.57 8.61
N ALA A 1056 4.85 22.91 9.57
CA ALA A 1056 4.68 23.17 10.97
C ALA A 1056 5.57 24.27 11.50
N VAL A 1057 6.56 24.71 10.74
CA VAL A 1057 7.26 25.93 11.13
C VAL A 1057 6.59 27.15 10.49
N LEU A 1059 3.03 27.22 9.00
CA LEU A 1059 1.66 27.22 9.51
C LEU A 1059 1.60 27.01 11.02
N GLU A 1060 2.61 26.37 11.60
CA GLU A 1060 2.63 26.01 13.01
C GLU A 1060 1.53 24.98 13.32
N THR A 1061 1.47 23.94 12.51
CA THR A 1061 0.61 22.80 12.76
C THR A 1061 1.33 21.89 13.77
N GLY A 1062 0.85 20.68 13.96
CA GLY A 1062 1.59 19.68 14.71
C GLY A 1062 1.88 20.02 16.14
N GLY A 1063 0.99 20.74 16.80
CA GLY A 1063 1.18 21.06 18.19
C GLY A 1063 2.24 22.09 18.49
N ILE A 1064 2.83 22.66 17.43
CA ILE A 1064 3.86 23.72 17.60
C ILE A 1064 3.18 25.01 18.08
N ALA A 1065 1.98 25.33 17.61
CA ALA A 1065 1.20 26.45 18.11
C ALA A 1065 0.69 26.15 19.51
N ASP A 1066 0.31 24.89 19.77
CA ASP A 1066 -0.01 24.46 21.13
C ASP A 1066 1.16 24.71 22.07
N TYR A 1067 2.36 24.32 21.63
CA TYR A 1067 3.56 24.51 22.44
C TYR A 1067 3.79 25.98 22.79
N ILE A 1068 3.74 26.84 21.78
CA ILE A 1068 3.97 28.26 22.02
C ILE A 1068 2.89 28.84 22.92
N ALA A 1069 1.64 28.43 22.72
CA ALA A 1069 0.58 28.90 23.59
C ALA A 1069 0.79 28.46 25.03
N MET A 1070 1.23 27.21 25.22
CA MET A 1070 1.48 26.71 26.57
C MET A 1070 2.62 27.46 27.24
N LYS A 1071 3.71 27.72 26.50
CA LYS A 1071 4.78 28.54 27.04
C LYS A 1071 4.27 29.92 27.46
N SER A 1072 3.47 30.55 26.61
CA SER A 1072 2.90 31.85 26.99
C SER A 1072 2.04 31.74 28.23
N ILE A 1073 1.32 30.62 28.38
CA ILE A 1073 0.48 30.42 29.55
C ILE A 1073 1.34 30.29 30.80
N SER A 1074 2.53 29.70 30.67
CA SER A 1074 3.39 29.46 31.83
C SER A 1074 3.65 30.74 32.62
N THR A 1075 3.93 31.83 31.93
CA THR A 1075 4.21 33.11 32.58
C THR A 1075 2.99 33.63 33.33
N ALA A 1085 -3.63 32.24 27.53
CA ALA A 1085 -3.81 32.90 26.25
C ALA A 1085 -4.50 31.99 25.25
N GLU A 1086 -4.28 32.27 23.96
CA GLU A 1086 -4.92 31.51 22.89
C GLU A 1086 -4.14 31.71 21.61
N ILE A 1087 -4.35 30.80 20.64
CA ILE A 1087 -3.52 30.76 19.39
C ILE A 1087 -3.97 31.76 18.32
N PRO A 1088 -3.05 32.32 17.50
CA PRO A 1088 -3.42 33.19 16.39
C PRO A 1088 -3.75 32.37 15.14
N LEU A 1089 -4.40 32.97 14.13
CA LEU A 1089 -4.86 32.19 12.94
C LEU A 1089 -3.77 32.23 11.86
N MET A 1090 -3.12 33.38 11.68
CA MET A 1090 -2.09 33.52 10.61
C MET A 1090 -0.74 33.86 11.25
N THR A 1091 0.35 33.39 10.63
CA THR A 1091 1.72 33.64 11.16
C THR A 1091 2.60 34.22 10.05
N SER A 1092 3.39 35.25 10.37
CA SER A 1092 4.22 35.90 9.34
C SER A 1092 5.06 34.84 8.62
N LYS A 1093 5.33 33.72 9.28
CA LYS A 1093 6.20 32.69 8.66
C LYS A 1093 5.58 32.28 7.33
N ALA A 1094 4.26 32.41 7.19
CA ALA A 1094 3.58 32.03 5.93
C ALA A 1094 3.85 33.07 4.84
N SER A 1095 3.78 34.37 5.19
CA SER A 1095 4.13 35.43 4.22
C SER A 1095 5.60 35.34 3.83
N ILE A 1096 6.49 35.20 4.81
CA ILE A 1096 7.94 35.00 4.51
C ILE A 1096 8.06 33.79 3.59
N TYR A 1097 7.40 32.70 3.94
CA TYR A 1097 7.41 31.50 3.07
C TYR A 1097 6.56 31.76 1.84
N PHE A 1098 5.71 32.79 1.84
CA PHE A 1098 4.97 33.02 0.61
C PHE A 1098 5.77 33.89 -0.36
N ASN A 1099 6.42 34.93 0.13
CA ASN A 1099 7.23 35.75 -0.74
C ASN A 1099 8.57 35.10 -1.09
N VAL A 1100 9.10 34.25 -0.22
CA VAL A 1100 10.29 33.49 -0.60
C VAL A 1100 10.00 32.56 -1.77
N ILE A 1101 8.84 31.90 -1.75
CA ILE A 1101 8.52 30.98 -2.84
C ILE A 1101 8.44 31.71 -4.18
N LEU A 1102 7.76 32.86 -4.22
CA LEU A 1102 7.65 33.61 -5.46
C LEU A 1102 8.99 34.22 -5.88
N TRP A 1103 9.71 34.83 -4.95
CA TRP A 1103 11.07 35.29 -5.23
C TRP A 1103 11.92 34.17 -5.80
N LEU A 1104 11.75 32.95 -5.29
CA LEU A 1104 12.60 31.85 -5.69
C LEU A 1104 12.24 31.33 -7.07
N VAL A 1105 10.94 31.23 -7.36
CA VAL A 1105 10.52 30.77 -8.68
C VAL A 1105 10.83 31.83 -9.72
N ALA A 1106 10.73 33.11 -9.35
CA ALA A 1106 11.14 34.18 -10.26
C ALA A 1106 12.65 34.13 -10.52
N LEU A 1107 13.43 33.80 -9.49
CA LEU A 1107 14.87 33.64 -9.69
C LEU A 1107 15.17 32.48 -10.64
N SER A 1108 14.45 31.36 -10.48
CA SER A 1108 14.65 30.23 -11.39
C SER A 1108 14.25 30.60 -12.82
N ALA A 1109 13.13 31.30 -12.99
CA ALA A 1109 12.72 31.72 -14.33
C ALA A 1109 13.71 32.70 -14.93
N LEU A 1110 14.25 33.61 -14.11
CA LEU A 1110 15.24 34.56 -14.59
C LEU A 1110 16.52 33.86 -15.03
N ILE A 1111 16.98 32.88 -14.25
CA ILE A 1111 18.15 32.12 -14.64
C ILE A 1111 17.92 31.39 -15.95
N ARG A 1112 16.75 30.76 -16.10
CA ARG A 1112 16.47 30.02 -17.32
C ARG A 1112 16.34 30.94 -18.53
N PHE A 1113 15.72 32.12 -18.35
CA PHE A 1113 15.62 33.07 -19.44
C PHE A 1113 16.99 33.60 -19.84
N ILE A 1114 17.86 33.89 -18.88
CA ILE A 1114 19.22 34.31 -19.19
C ILE A 1114 19.94 33.23 -19.96
N GLY A 1115 19.81 31.98 -19.53
CA GLY A 1115 20.45 30.89 -20.25
C GLY A 1115 19.98 30.81 -21.69
N CYS A 1116 18.68 30.93 -21.90
CA CYS A 1116 18.16 30.86 -23.27
C CYS A 1116 18.62 32.05 -24.09
N SER A 1117 18.66 33.24 -23.50
CA SER A 1117 19.13 34.41 -24.23
C SER A 1117 20.59 34.27 -24.65
N ILE A 1118 21.44 33.76 -23.74
CA ILE A 1118 22.84 33.55 -24.10
C ILE A 1118 22.97 32.50 -25.18
N TYR A 1119 22.18 31.42 -25.08
CA TYR A 1119 22.20 30.41 -26.13
C TYR A 1119 21.85 31.03 -27.49
N MET A 1120 20.81 31.85 -27.52
CA MET A 1120 20.38 32.46 -28.78
C MET A 1120 21.41 33.45 -29.32
N ILE A 1121 21.95 34.30 -28.45
CA ILE A 1121 22.95 35.27 -28.90
C ILE A 1121 24.18 34.55 -29.44
N VAL A 1122 24.65 33.52 -28.75
CA VAL A 1122 25.82 32.79 -29.21
C VAL A 1122 25.55 32.13 -30.56
N ARG A 1123 24.39 31.48 -30.69
CA ARG A 1123 24.07 30.80 -31.93
C ARG A 1123 23.96 31.78 -33.10
N PHE A 1124 23.29 32.91 -32.89
CA PHE A 1124 23.12 33.89 -33.95
C PHE A 1124 24.44 34.54 -34.33
N PHE A 1125 25.28 34.89 -33.33
CA PHE A 1125 26.58 35.45 -33.62
C PHE A 1125 27.45 34.50 -34.43
N LYS A 1126 27.49 33.24 -33.96
CA LYS A 1126 28.29 32.20 -34.67
C LYS A 1126 27.79 32.09 -36.11
N LYS A 1127 26.47 31.94 -36.28
CA LYS A 1127 25.89 31.79 -37.61
C LYS A 1127 26.25 32.97 -38.50
N PHE B 415 -7.09 -54.02 12.91
CA PHE B 415 -7.00 -53.60 11.52
C PHE B 415 -7.04 -52.08 11.40
N MET B 416 -6.17 -51.55 10.54
CA MET B 416 -6.06 -50.12 10.28
C MET B 416 -6.58 -49.86 8.87
N ARG B 417 -7.51 -48.92 8.71
CA ARG B 417 -8.10 -48.65 7.38
C ARG B 417 -7.69 -47.25 6.89
N TYR B 418 -7.95 -46.95 5.61
CA TYR B 418 -7.64 -45.61 5.05
C TYR B 418 -8.60 -45.29 3.90
N GLN B 419 -8.97 -44.02 3.73
CA GLN B 419 -9.91 -43.60 2.66
C GLN B 419 -9.41 -42.31 2.01
N ALA B 420 -9.33 -42.28 0.68
CA ALA B 420 -8.85 -41.08 -0.03
C ALA B 420 -10.03 -40.37 -0.71
N VAL B 421 -10.58 -39.35 -0.06
CA VAL B 421 -11.75 -38.62 -0.63
C VAL B 421 -11.29 -37.94 -1.92
N THR B 422 -12.16 -37.84 -2.92
CA THR B 422 -11.78 -37.25 -4.23
C THR B 422 -12.76 -36.15 -4.61
N CYS B 423 -14.01 -36.25 -4.13
CA CYS B 423 -15.05 -35.25 -4.49
C CYS B 423 -15.31 -34.31 -3.32
N GLU B 424 -15.76 -33.08 -3.60
CA GLU B 424 -16.03 -32.09 -2.53
C GLU B 424 -17.00 -32.69 -1.50
N PRO B 425 -17.10 -32.10 -0.29
CA PRO B 425 -17.96 -32.64 0.78
C PRO B 425 -19.41 -32.78 0.30
N ASN B 426 -19.89 -31.82 -0.48
CA ASN B 426 -21.31 -31.85 -0.92
C ASN B 426 -21.59 -33.17 -1.63
N GLN B 427 -20.64 -33.66 -2.43
CA GLN B 427 -20.86 -34.90 -3.21
C GLN B 427 -20.37 -36.12 -2.42
N LEU B 428 -19.83 -35.90 -1.23
CA LEU B 428 -19.25 -37.02 -0.43
C LEU B 428 -20.34 -38.05 -0.15
N VAL B 435 -18.24 -42.30 7.14
CA VAL B 435 -17.29 -42.45 8.29
C VAL B 435 -17.43 -43.85 8.88
N ARG B 436 -16.45 -44.29 9.69
CA ARG B 436 -16.47 -45.64 10.29
C ARG B 436 -17.68 -45.78 11.22
N GLN B 437 -18.02 -44.72 11.96
CA GLN B 437 -19.14 -44.82 12.95
C GLN B 437 -20.35 -45.46 12.28
N LEU B 438 -20.74 -44.97 11.10
CA LEU B 438 -21.91 -45.51 10.37
C LEU B 438 -21.59 -46.93 9.90
N LYS B 439 -20.32 -47.17 9.51
CA LYS B 439 -19.91 -48.51 9.04
C LYS B 439 -19.73 -49.43 10.25
N TYR B 440 -20.83 -49.86 10.87
CA TYR B 440 -20.75 -50.72 12.09
C TYR B 440 -22.01 -51.58 12.19
N LEU B 441 -21.92 -52.71 12.88
CA LEU B 441 -23.08 -53.62 13.03
C LEU B 441 -24.22 -52.85 13.70
N THR B 442 -23.93 -52.16 14.81
CA THR B 442 -24.96 -51.33 15.49
C THR B 442 -24.64 -49.86 15.23
N PRO B 443 -25.51 -49.08 14.55
CA PRO B 443 -25.17 -47.70 14.20
C PRO B 443 -24.66 -46.93 15.44
N ARG B 444 -23.38 -46.56 15.43
CA ARG B 444 -22.81 -45.77 16.57
C ARG B 444 -23.43 -44.37 16.54
N GLU B 445 -23.49 -43.71 17.70
CA GLU B 445 -24.05 -42.34 17.77
C GLU B 445 -22.93 -41.33 18.00
N THR B 446 -22.82 -40.30 17.15
CA THR B 446 -21.81 -39.24 17.38
C THR B 446 -22.39 -38.26 18.40
N GLU B 447 -22.44 -38.65 19.67
CA GLU B 447 -22.97 -37.77 20.73
C GLU B 447 -22.14 -36.50 20.77
N LEU B 448 -20.90 -36.56 20.28
CA LEU B 448 -20.04 -35.35 20.23
C LEU B 448 -18.92 -35.63 19.22
N MET B 449 -18.68 -34.72 18.29
CA MET B 449 -17.55 -34.89 17.32
C MET B 449 -16.55 -33.75 17.51
N LEU B 450 -15.29 -34.06 17.79
CA LEU B 450 -14.29 -33.00 18.09
C LEU B 450 -13.43 -32.79 16.85
N VAL B 451 -13.46 -31.59 16.27
CA VAL B 451 -12.71 -31.32 15.00
C VAL B 451 -11.39 -30.65 15.32
N VAL B 452 -10.25 -31.30 14.99
CA VAL B 452 -8.91 -30.75 15.30
C VAL B 452 -8.33 -30.11 14.04
N THR B 453 -8.31 -28.77 13.98
CA THR B 453 -7.73 -28.08 12.82
C THR B 453 -6.22 -27.90 13.04
N MET B 454 -5.39 -28.49 12.17
CA MET B 454 -3.91 -28.34 12.27
C MET B 454 -3.37 -27.93 10.90
N TYR B 455 -2.60 -26.84 10.85
CA TYR B 455 -2.02 -26.36 9.58
C TYR B 455 -0.57 -26.87 9.49
N ASN B 456 0.32 -26.28 10.29
CA ASN B 456 1.73 -26.74 10.34
C ASN B 456 2.19 -26.63 11.79
N GLU B 457 1.31 -26.96 12.75
CA GLU B 457 1.63 -26.80 14.19
C GLU B 457 2.81 -27.71 14.57
N ASP B 458 3.57 -27.31 15.61
CA ASP B 458 4.69 -28.14 16.10
C ASP B 458 4.13 -29.42 16.71
N HIS B 459 4.95 -30.49 16.75
CA HIS B 459 4.49 -31.77 17.33
C HIS B 459 3.89 -31.52 18.72
N ILE B 460 4.60 -30.76 19.56
CA ILE B 460 4.12 -30.48 20.94
C ILE B 460 2.76 -29.77 20.86
N LEU B 461 2.61 -28.84 19.91
CA LEU B 461 1.35 -28.06 19.82
C LEU B 461 0.18 -29.02 19.57
N LEU B 462 0.19 -29.73 18.44
CA LEU B 462 -0.94 -30.64 18.09
C LEU B 462 -1.06 -31.71 19.17
N GLY B 463 0.08 -32.21 19.66
CA GLY B 463 0.07 -33.24 20.72
C GLY B 463 -0.65 -32.74 21.97
N ARG B 464 -0.51 -31.45 22.27
CA ARG B 464 -1.15 -30.87 23.49
C ARG B 464 -2.65 -31.13 23.43
N THR B 465 -3.29 -30.81 22.30
CA THR B 465 -4.77 -30.97 22.20
C THR B 465 -5.15 -32.43 22.41
N LEU B 466 -4.51 -33.34 21.67
CA LEU B 466 -4.86 -34.79 21.77
C LEU B 466 -4.61 -35.27 23.20
N LYS B 467 -3.55 -34.77 23.84
CA LYS B 467 -3.24 -35.17 25.25
C LYS B 467 -4.37 -34.68 26.16
N GLY B 468 -4.78 -33.42 26.02
CA GLY B 468 -5.90 -32.89 26.82
C GLY B 468 -7.18 -33.67 26.55
N ILE B 469 -7.41 -34.06 25.30
CA ILE B 469 -8.67 -34.78 24.92
C ILE B 469 -8.70 -36.13 25.64
N MET B 470 -7.60 -36.88 25.60
CA MET B 470 -7.59 -38.24 26.21
C MET B 470 -8.20 -38.15 27.62
N ASP B 471 -7.53 -37.46 28.53
CA ASP B 471 -8.01 -37.28 29.90
C ASP B 471 -9.53 -37.08 29.93
N ASN B 472 -10.08 -36.31 28.98
CA ASN B 472 -11.51 -36.10 28.94
C ASN B 472 -12.26 -37.42 28.78
N VAL B 473 -11.79 -38.26 27.86
CA VAL B 473 -12.47 -39.54 27.65
C VAL B 473 -12.26 -40.48 28.84
N LYS B 474 -11.10 -40.39 29.50
CA LYS B 474 -10.90 -41.16 30.73
C LYS B 474 -11.95 -40.79 31.77
N TYR B 475 -12.16 -39.49 31.99
CA TYR B 475 -13.20 -39.09 32.93
C TYR B 475 -14.57 -39.58 32.47
N MET B 476 -14.87 -39.43 31.18
CA MET B 476 -16.17 -39.86 30.68
C MET B 476 -16.39 -41.35 30.86
N VAL B 477 -15.33 -42.15 30.87
CA VAL B 477 -15.53 -43.59 30.97
C VAL B 477 -15.57 -44.07 32.42
N LYS B 478 -14.85 -43.42 33.34
CA LYS B 478 -14.89 -43.96 34.71
C LYS B 478 -16.05 -43.41 35.55
N LYS B 479 -17.00 -42.70 34.95
CA LYS B 479 -18.18 -42.30 35.72
C LYS B 479 -19.11 -43.48 35.95
N LYS B 480 -19.94 -43.37 36.98
CA LYS B 480 -20.84 -44.44 37.40
C LYS B 480 -22.31 -44.12 37.19
N ASN B 481 -22.79 -43.00 37.75
CA ASN B 481 -24.23 -42.69 37.75
C ASN B 481 -24.53 -41.78 36.57
N SER B 482 -24.81 -42.40 35.42
CA SER B 482 -25.14 -41.64 34.22
C SER B 482 -25.84 -42.56 33.22
N SER B 483 -26.92 -42.07 32.62
CA SER B 483 -27.64 -42.84 31.62
C SER B 483 -26.93 -42.86 30.28
N THR B 484 -26.21 -41.79 29.93
CA THR B 484 -25.56 -41.67 28.64
C THR B 484 -24.13 -42.19 28.66
N TRP B 485 -23.35 -41.83 29.68
CA TRP B 485 -21.97 -42.23 29.79
C TRP B 485 -21.81 -43.37 30.79
N GLY B 486 -20.61 -43.94 30.83
CA GLY B 486 -20.30 -45.02 31.72
C GLY B 486 -19.07 -45.76 31.26
N PRO B 487 -18.95 -47.03 31.64
CA PRO B 487 -17.82 -47.84 31.16
C PRO B 487 -17.79 -47.97 29.65
N ASP B 488 -18.91 -47.74 28.97
CA ASP B 488 -19.00 -47.82 27.53
C ASP B 488 -19.03 -46.43 26.88
N ALA B 489 -18.54 -45.40 27.58
CA ALA B 489 -18.63 -44.05 27.05
C ALA B 489 -17.68 -43.83 25.88
N TRP B 490 -16.60 -44.60 25.81
CA TRP B 490 -15.58 -44.36 24.78
C TRP B 490 -16.14 -44.55 23.37
N LYS B 491 -17.18 -45.38 23.21
CA LYS B 491 -17.72 -45.63 21.88
C LYS B 491 -18.34 -44.39 21.25
N LYS B 492 -19.05 -43.60 22.04
CA LYS B 492 -19.90 -42.54 21.51
C LYS B 492 -19.20 -41.21 21.35
N ILE B 493 -17.87 -41.20 21.28
CA ILE B 493 -17.10 -40.02 20.93
C ILE B 493 -16.21 -40.37 19.75
N VAL B 494 -16.17 -39.49 18.76
CA VAL B 494 -15.30 -39.62 17.60
C VAL B 494 -14.45 -38.37 17.51
N VAL B 495 -13.13 -38.54 17.43
CA VAL B 495 -12.19 -37.43 17.34
C VAL B 495 -11.69 -37.38 15.90
N CYS B 496 -12.01 -36.30 15.20
CA CYS B 496 -11.59 -36.10 13.82
C CYS B 496 -10.46 -35.07 13.79
N ILE B 497 -9.31 -35.48 13.26
CA ILE B 497 -8.15 -34.63 13.11
C ILE B 497 -8.11 -34.16 11.67
N ILE B 498 -8.53 -32.92 11.43
CA ILE B 498 -8.56 -32.36 10.08
C ILE B 498 -7.28 -31.57 9.84
N SER B 499 -6.40 -32.13 9.03
CA SER B 499 -5.10 -31.53 8.74
C SER B 499 -5.18 -30.78 7.41
N ASP B 500 -4.64 -29.55 7.42
CA ASP B 500 -4.75 -28.65 6.23
C ASP B 500 -3.43 -28.57 5.46
N GLY B 501 -3.20 -29.49 4.53
CA GLY B 501 -2.03 -29.45 3.66
C GLY B 501 -0.91 -30.39 4.08
N ARG B 502 -0.64 -31.43 3.27
CA ARG B 502 0.41 -32.37 3.65
C ARG B 502 1.79 -31.78 3.46
N SER B 503 1.96 -30.90 2.46
CA SER B 503 3.29 -30.41 2.12
C SER B 503 3.88 -29.57 3.24
N LYS B 504 3.04 -28.75 3.88
CA LYS B 504 3.49 -27.85 4.93
C LYS B 504 3.51 -28.51 6.30
N ILE B 505 2.94 -29.72 6.43
CA ILE B 505 2.87 -30.37 7.73
C ILE B 505 4.27 -30.74 8.21
N ASN B 506 4.41 -30.87 9.53
CA ASN B 506 5.68 -31.26 10.15
C ASN B 506 5.65 -32.77 10.40
N GLU B 507 6.65 -33.48 9.86
CA GLU B 507 6.66 -34.94 10.00
C GLU B 507 6.90 -35.40 11.43
N ARG B 508 7.34 -34.49 12.32
CA ARG B 508 7.51 -34.85 13.73
C ARG B 508 6.16 -35.24 14.34
N SER B 509 5.14 -34.41 14.12
CA SER B 509 3.80 -34.71 14.63
C SER B 509 3.22 -35.94 13.95
N LEU B 510 3.56 -36.17 12.67
CA LEU B 510 3.12 -37.38 12.00
C LEU B 510 3.75 -38.62 12.61
N ALA B 511 5.03 -38.54 13.00
CA ALA B 511 5.64 -39.65 13.73
C ALA B 511 4.96 -39.85 15.07
N LEU B 512 4.62 -38.76 15.75
CA LEU B 512 3.84 -38.85 16.98
C LEU B 512 2.53 -39.61 16.76
N LEU B 513 1.81 -39.26 15.71
CA LEU B 513 0.53 -39.91 15.44
C LEU B 513 0.74 -41.36 15.02
N SER B 514 1.83 -41.66 14.34
CA SER B 514 2.12 -43.04 13.96
C SER B 514 2.42 -43.89 15.18
N SER B 515 3.11 -43.31 16.16
CA SER B 515 3.31 -44.00 17.43
C SER B 515 1.98 -44.34 18.09
N LEU B 516 0.97 -43.48 17.91
CA LEU B 516 -0.38 -43.78 18.36
C LEU B 516 -1.06 -44.85 17.50
N GLY B 517 -0.45 -45.24 16.38
CA GLY B 517 -1.10 -46.14 15.46
C GLY B 517 -2.11 -45.48 14.55
N CYS B 518 -1.98 -44.17 14.33
CA CYS B 518 -2.97 -43.40 13.60
C CYS B 518 -2.48 -42.94 12.24
N TYR B 519 -1.19 -43.05 11.96
CA TYR B 519 -0.65 -42.62 10.68
C TYR B 519 0.34 -43.65 10.15
N ALA B 534 -10.49 -34.81 -2.89
CA ALA B 534 -9.04 -34.56 -2.74
C ALA B 534 -8.68 -34.57 -1.25
N MET B 535 -8.73 -35.74 -0.60
CA MET B 535 -8.47 -35.76 0.82
C MET B 535 -8.11 -37.18 1.23
N HIS B 536 -7.38 -37.31 2.32
CA HIS B 536 -7.11 -38.61 2.92
C HIS B 536 -7.89 -38.75 4.22
N VAL B 537 -8.20 -39.99 4.58
CA VAL B 537 -8.93 -40.31 5.79
C VAL B 537 -8.25 -41.49 6.47
N TYR B 538 -7.80 -41.29 7.71
CA TYR B 538 -7.24 -42.35 8.54
C TYR B 538 -8.13 -42.54 9.76
N GLU B 539 -8.56 -43.78 10.00
CA GLU B 539 -9.35 -44.13 11.18
C GLU B 539 -8.69 -45.29 11.89
N HIS B 540 -8.42 -45.13 13.18
CA HIS B 540 -7.85 -46.20 13.99
C HIS B 540 -8.36 -46.06 15.41
N THR B 541 -8.28 -47.16 16.15
CA THR B 541 -8.62 -47.19 17.57
C THR B 541 -7.33 -47.36 18.36
N THR B 542 -6.90 -46.29 19.02
CA THR B 542 -5.67 -46.33 19.80
C THR B 542 -5.99 -46.76 21.23
N MET B 543 -5.45 -47.93 21.62
CA MET B 543 -5.60 -48.43 22.97
C MET B 543 -4.55 -47.85 23.91
N ILE B 544 -3.52 -47.20 23.36
CA ILE B 544 -2.48 -46.58 24.16
C ILE B 544 -2.83 -45.13 24.41
N ASN B 545 -2.35 -44.59 25.53
CA ASN B 545 -2.62 -43.21 25.92
C ASN B 545 -1.32 -42.49 26.15
N ILE B 546 -1.26 -41.23 25.73
CA ILE B 546 -0.12 -40.36 26.00
C ILE B 546 -0.37 -39.67 27.35
N THR B 547 0.47 -40.01 28.34
CA THR B 547 0.26 -39.53 29.70
C THR B 547 1.33 -38.55 30.18
N ASN B 548 2.45 -38.43 29.47
CA ASN B 548 3.52 -37.54 29.90
C ASN B 548 4.01 -36.76 28.70
N ILE B 549 4.12 -35.44 28.87
CA ILE B 549 4.65 -34.54 27.85
C ILE B 549 5.60 -33.59 28.57
N SER B 550 6.91 -33.83 28.40
CA SER B 550 7.92 -32.95 28.95
C SER B 550 8.20 -31.83 27.94
N GLU B 551 9.28 -31.09 28.15
CA GLU B 551 9.65 -30.01 27.24
C GLU B 551 9.85 -30.52 25.82
N SER B 552 10.36 -31.74 25.66
CA SER B 552 10.62 -32.30 24.34
C SER B 552 10.22 -33.76 24.20
N GLU B 553 9.89 -34.47 25.28
CA GLU B 553 9.59 -35.90 25.22
C GLU B 553 8.13 -36.13 25.53
N VAL B 554 7.50 -37.01 24.74
CA VAL B 554 6.12 -37.42 24.93
C VAL B 554 6.11 -38.93 25.08
N SER B 555 5.48 -39.42 26.16
CA SER B 555 5.53 -40.83 26.52
C SER B 555 4.21 -41.50 26.16
N LEU B 556 4.29 -42.72 25.62
CA LEU B 556 3.12 -43.52 25.29
C LEU B 556 3.18 -44.84 26.06
N GLU B 557 2.04 -45.25 26.63
CA GLU B 557 1.98 -46.46 27.44
C GLU B 557 0.64 -47.15 27.24
N CYS B 558 0.64 -48.48 27.37
CA CYS B 558 -0.55 -49.31 27.29
C CYS B 558 -0.61 -50.20 28.53
N PRO B 564 -9.53 -46.79 25.22
CA PRO B 564 -9.48 -46.64 23.76
C PRO B 564 -9.98 -45.27 23.32
N ILE B 565 -9.51 -44.85 22.15
CA ILE B 565 -9.93 -43.60 21.52
C ILE B 565 -10.16 -43.85 20.04
N GLN B 566 -11.34 -43.47 19.55
CA GLN B 566 -11.65 -43.59 18.13
C GLN B 566 -11.13 -42.35 17.42
N LEU B 567 -9.99 -42.47 16.78
CA LEU B 567 -9.37 -41.36 16.07
C LEU B 567 -9.74 -41.39 14.60
N LEU B 568 -9.89 -40.21 14.02
CA LEU B 568 -10.15 -40.05 12.58
C LEU B 568 -9.24 -38.95 12.08
N PHE B 569 -8.12 -39.33 11.47
CA PHE B 569 -7.11 -38.36 11.03
C PHE B 569 -7.39 -38.05 9.57
N CYS B 570 -7.99 -36.89 9.34
CA CYS B 570 -8.35 -36.45 8.01
C CYS B 570 -7.26 -35.54 7.47
N LEU B 571 -6.62 -35.98 6.39
CA LEU B 571 -5.47 -35.22 5.82
C LEU B 571 -5.85 -34.70 4.43
N LYS B 572 -5.66 -33.41 4.21
CA LYS B 572 -5.98 -32.77 2.94
C LYS B 572 -4.84 -32.91 1.94
N GLU B 573 -5.16 -32.74 0.66
CA GLU B 573 -4.15 -32.77 -0.38
C GLU B 573 -3.44 -31.44 -0.56
N GLN B 574 -4.20 -30.35 -0.68
CA GLN B 574 -3.65 -29.06 -1.05
C GLN B 574 -4.23 -28.00 -0.15
N ASN B 575 -3.40 -27.03 0.22
CA ASN B 575 -3.77 -26.06 1.23
C ASN B 575 -4.97 -25.25 0.77
N GLN B 576 -5.98 -25.20 1.63
CA GLN B 576 -7.17 -24.37 1.43
C GLN B 576 -7.48 -23.67 2.74
N LYS B 577 -8.28 -22.62 2.67
CA LYS B 577 -8.66 -21.90 3.87
C LYS B 577 -9.43 -22.82 4.82
N LYS B 578 -9.34 -22.54 6.12
CA LYS B 578 -9.97 -23.34 7.17
C LYS B 578 -11.44 -23.60 6.87
N ILE B 579 -12.10 -22.64 6.22
CA ILE B 579 -13.50 -22.76 5.86
C ILE B 579 -13.70 -24.03 5.05
N ASN B 580 -12.70 -24.42 4.25
CA ASN B 580 -12.78 -25.69 3.53
C ASN B 580 -12.76 -26.87 4.49
N SER B 581 -11.93 -26.81 5.53
CA SER B 581 -11.93 -27.88 6.52
C SER B 581 -13.28 -27.98 7.22
N HIS B 582 -13.90 -26.84 7.53
CA HIS B 582 -15.24 -26.86 8.12
C HIS B 582 -16.26 -27.40 7.13
N ARG B 583 -16.13 -27.05 5.86
CA ARG B 583 -16.94 -27.64 4.80
C ARG B 583 -16.89 -29.16 4.86
N TRP B 584 -15.68 -29.71 4.92
CA TRP B 584 -15.56 -31.16 5.03
C TRP B 584 -16.16 -31.69 6.33
N ALA B 585 -16.01 -30.95 7.42
CA ALA B 585 -16.56 -31.41 8.69
C ALA B 585 -18.08 -31.50 8.64
N PHE B 586 -18.73 -30.52 8.02
CA PHE B 586 -20.18 -30.35 8.14
C PHE B 586 -20.95 -30.92 6.95
N GLU B 587 -20.60 -30.53 5.72
CA GLU B 587 -21.23 -31.14 4.56
C GLU B 587 -20.90 -32.63 4.47
N GLY B 588 -19.76 -33.04 5.01
CA GLY B 588 -19.30 -34.40 4.84
C GLY B 588 -19.64 -35.27 6.03
N PHE B 589 -18.65 -35.48 6.90
CA PHE B 589 -18.72 -36.51 7.92
C PHE B 589 -19.88 -36.34 8.89
N ALA B 590 -20.49 -35.14 8.97
CA ALA B 590 -21.67 -34.98 9.80
C ALA B 590 -22.79 -35.89 9.31
N GLU B 591 -23.20 -35.75 8.05
CA GLU B 591 -24.30 -36.56 7.54
C GLU B 591 -23.97 -38.03 7.42
N LEU B 592 -22.69 -38.42 7.43
CA LEU B 592 -22.36 -39.82 7.60
C LEU B 592 -22.58 -40.26 9.04
N LEU B 593 -22.16 -39.42 10.00
CA LEU B 593 -22.21 -39.79 11.40
C LEU B 593 -23.58 -39.50 12.00
N ARG B 594 -24.23 -38.42 11.54
CA ARG B 594 -25.42 -37.84 12.16
C ARG B 594 -25.13 -37.47 13.61
N PRO B 595 -24.26 -36.49 13.83
CA PRO B 595 -23.87 -36.14 15.19
C PRO B 595 -25.00 -35.47 15.94
N ASN B 596 -25.14 -35.82 17.22
CA ASN B 596 -25.96 -35.01 18.10
C ASN B 596 -25.29 -33.67 18.37
N ILE B 597 -23.96 -33.66 18.44
CA ILE B 597 -23.16 -32.49 18.79
C ILE B 597 -21.91 -32.51 17.92
N VAL B 598 -21.41 -31.33 17.59
CA VAL B 598 -20.15 -31.19 16.88
C VAL B 598 -19.29 -30.17 17.61
N THR B 599 -18.10 -30.60 18.05
CA THR B 599 -17.18 -29.76 18.82
C THR B 599 -15.96 -29.48 17.97
N LEU B 600 -15.48 -28.24 18.02
CA LEU B 600 -14.37 -27.77 17.19
C LEU B 600 -13.17 -27.45 18.07
N LEU B 601 -12.03 -28.07 17.76
CA LEU B 601 -10.78 -27.85 18.48
C LEU B 601 -9.67 -27.45 17.52
N ASP B 602 -8.70 -26.71 18.04
CA ASP B 602 -7.49 -26.37 17.31
C ASP B 602 -6.33 -27.15 17.89
N ALA B 603 -5.48 -27.68 17.00
CA ALA B 603 -4.24 -28.26 17.47
C ALA B 603 -3.43 -27.20 18.20
N GLY B 604 -2.87 -27.58 19.34
CA GLY B 604 -2.20 -26.62 20.19
C GLY B 604 -3.08 -26.01 21.26
N THR B 605 -4.25 -26.57 21.50
CA THR B 605 -5.14 -26.12 22.56
C THR B 605 -5.39 -27.28 23.52
N MET B 606 -5.38 -26.97 24.82
CA MET B 606 -5.43 -27.88 25.95
C MET B 606 -6.85 -28.02 26.51
N PRO B 607 -7.66 -28.96 26.07
CA PRO B 607 -8.91 -29.22 26.78
C PRO B 607 -8.60 -29.63 28.21
N GLY B 608 -9.38 -29.11 29.15
CA GLY B 608 -9.08 -29.30 30.55
C GLY B 608 -9.14 -30.76 30.97
N LYS B 609 -8.88 -30.97 32.26
CA LYS B 609 -8.99 -32.31 32.82
C LYS B 609 -10.40 -32.85 32.63
N ASP B 610 -11.41 -31.98 32.68
CA ASP B 610 -12.80 -32.37 32.59
C ASP B 610 -13.63 -31.40 31.75
N SER B 611 -13.05 -30.81 30.71
CA SER B 611 -13.75 -29.75 29.99
C SER B 611 -14.84 -30.30 29.06
N ILE B 612 -14.49 -31.29 28.25
CA ILE B 612 -15.41 -31.67 27.17
C ILE B 612 -16.69 -32.27 27.73
N TYR B 613 -16.62 -32.98 28.86
CA TYR B 613 -17.84 -33.49 29.49
C TYR B 613 -18.74 -32.35 29.98
N GLN B 614 -18.13 -31.33 30.60
CA GLN B 614 -18.93 -30.18 31.01
C GLN B 614 -19.54 -29.48 29.82
N LEU B 615 -18.82 -29.45 28.69
CA LEU B 615 -19.39 -28.88 27.47
C LEU B 615 -20.60 -29.69 27.00
N TRP B 616 -20.48 -31.02 27.03
CA TRP B 616 -21.62 -31.85 26.65
C TRP B 616 -22.82 -31.63 27.56
N ARG B 617 -22.59 -31.41 28.86
CA ARG B 617 -23.71 -31.27 29.78
C ARG B 617 -24.59 -30.06 29.50
N GLU B 618 -24.24 -29.21 28.53
CA GLU B 618 -25.08 -28.05 28.24
C GLU B 618 -26.28 -28.41 27.37
N PHE B 619 -26.14 -29.39 26.50
CA PHE B 619 -27.16 -29.67 25.49
C PHE B 619 -28.25 -30.62 25.98
N ARG B 620 -28.22 -31.02 27.25
CA ARG B 620 -29.37 -31.71 27.84
C ARG B 620 -30.60 -30.83 27.88
N ASN B 621 -30.43 -29.50 27.81
CA ASN B 621 -31.55 -28.56 27.73
C ASN B 621 -31.97 -28.41 26.28
N PRO B 622 -33.21 -28.77 25.92
CA PRO B 622 -33.54 -28.92 24.49
C PRO B 622 -33.46 -27.64 23.68
N ASN B 623 -33.49 -26.47 24.31
CA ASN B 623 -33.57 -25.23 23.55
C ASN B 623 -32.20 -24.68 23.18
N VAL B 624 -31.12 -25.36 23.58
CA VAL B 624 -29.78 -24.88 23.33
C VAL B 624 -29.36 -25.26 21.92
N GLY B 625 -28.60 -24.39 21.27
CA GLY B 625 -28.10 -24.68 19.94
C GLY B 625 -26.60 -24.79 19.84
N GLY B 626 -25.89 -24.05 20.69
CA GLY B 626 -24.43 -24.06 20.66
C GLY B 626 -23.84 -23.76 22.02
N ALA B 627 -22.63 -24.26 22.24
CA ALA B 627 -21.91 -24.00 23.48
C ALA B 627 -20.41 -24.05 23.22
N CYS B 628 -19.65 -23.46 24.15
CA CYS B 628 -18.21 -23.31 24.02
C CYS B 628 -17.57 -23.34 25.39
N GLY B 629 -16.24 -23.41 25.41
CA GLY B 629 -15.51 -23.40 26.67
C GLY B 629 -14.55 -22.23 26.80
N GLU B 630 -14.30 -21.81 28.04
CA GLU B 630 -13.39 -20.70 28.30
C GLU B 630 -11.97 -21.06 27.88
N ILE B 631 -11.24 -20.06 27.39
CA ILE B 631 -9.89 -20.24 26.86
C ILE B 631 -8.90 -19.53 27.77
N ARG B 632 -7.98 -20.30 28.33
CA ARG B 632 -6.89 -19.76 29.14
C ARG B 632 -5.59 -19.70 28.32
N THR B 633 -4.72 -18.76 28.69
CA THR B 633 -3.42 -18.61 27.97
C THR B 633 -2.40 -19.50 28.68
N ASP B 634 -1.42 -20.02 27.94
CA ASP B 634 -0.35 -20.83 28.58
C ASP B 634 0.73 -19.85 29.06
N LEU B 635 0.72 -19.52 30.34
CA LEU B 635 1.68 -18.53 30.88
C LEU B 635 3.03 -19.23 31.12
N GLY B 636 3.14 -20.52 30.76
CA GLY B 636 4.43 -21.22 30.87
C GLY B 636 4.68 -21.79 32.25
N LYS B 637 5.60 -22.75 32.36
CA LYS B 637 5.93 -23.37 33.67
C LYS B 637 6.29 -22.26 34.65
N ARG B 638 5.76 -22.33 35.88
CA ARG B 638 6.04 -21.29 36.90
C ARG B 638 5.66 -19.90 36.36
N PHE B 639 4.64 -19.84 35.49
CA PHE B 639 4.21 -18.55 34.90
C PHE B 639 5.42 -17.82 34.30
N VAL B 640 6.28 -18.55 33.59
CA VAL B 640 7.51 -17.95 32.98
C VAL B 640 7.13 -17.06 31.79
N LYS B 641 6.32 -17.58 30.86
CA LYS B 641 5.96 -16.81 29.64
C LYS B 641 5.26 -15.52 30.07
N LEU B 642 4.90 -15.42 31.35
CA LEU B 642 4.30 -14.16 31.86
C LEU B 642 5.34 -13.06 31.68
N LEU B 643 6.56 -13.42 31.25
CA LEU B 643 7.62 -12.43 31.00
C LEU B 643 7.37 -11.73 29.66
N ASN B 644 7.41 -12.47 28.55
CA ASN B 644 7.06 -11.86 27.24
C ASN B 644 5.90 -10.90 27.49
N PRO B 645 6.11 -9.57 27.51
CA PRO B 645 5.01 -8.66 27.84
C PRO B 645 3.75 -9.00 27.05
N LEU B 646 3.90 -9.49 25.82
CA LEU B 646 2.73 -9.83 24.97
C LEU B 646 1.96 -11.00 25.59
N VAL B 647 2.67 -12.06 26.01
CA VAL B 647 1.98 -13.28 26.53
C VAL B 647 1.22 -12.93 27.81
N ALA B 648 1.57 -11.82 28.46
CA ALA B 648 0.82 -11.38 29.66
C ALA B 648 -0.17 -10.28 29.27
N SER B 649 -0.14 -9.84 28.00
CA SER B 649 -1.13 -8.84 27.53
C SER B 649 -2.29 -9.60 26.88
N GLN B 650 -2.00 -10.76 26.28
CA GLN B 650 -3.07 -11.60 25.69
C GLN B 650 -3.71 -12.43 26.81
N ASN B 651 -2.99 -12.62 27.93
CA ASN B 651 -3.53 -13.39 29.08
C ASN B 651 -4.71 -12.62 29.69
N PHE B 652 -4.50 -11.35 30.03
CA PHE B 652 -5.58 -10.53 30.64
C PHE B 652 -6.62 -10.22 29.57
N GLU B 653 -6.27 -10.45 28.30
CA GLU B 653 -7.22 -10.23 27.19
C GLU B 653 -8.05 -11.48 26.97
N TYR B 654 -7.54 -12.67 27.34
CA TYR B 654 -8.36 -13.86 27.24
C TYR B 654 -9.14 -14.10 28.52
N LYS B 655 -8.48 -13.92 29.67
CA LYS B 655 -9.14 -14.18 30.94
C LYS B 655 -10.37 -13.31 31.11
N MET B 656 -10.24 -12.00 30.90
CA MET B 656 -11.39 -11.14 31.11
C MET B 656 -12.41 -11.25 29.99
N SER B 657 -12.00 -11.57 28.76
CA SER B 657 -12.99 -11.82 27.71
C SER B 657 -13.88 -13.00 28.09
N ASN B 658 -13.29 -14.10 28.54
CA ASN B 658 -14.09 -15.24 28.97
C ASN B 658 -14.92 -14.91 30.19
N ILE B 659 -14.41 -14.08 31.10
CA ILE B 659 -15.19 -13.75 32.29
C ILE B 659 -16.41 -12.92 31.94
N LEU B 660 -16.29 -11.98 31.01
CA LEU B 660 -17.34 -10.98 30.79
C LEU B 660 -18.18 -11.26 29.55
N ASP B 661 -17.56 -11.33 28.38
CA ASP B 661 -18.33 -11.27 27.14
C ASP B 661 -19.12 -12.54 26.91
N LYS B 662 -18.51 -13.70 27.14
CA LYS B 662 -19.22 -14.96 26.88
C LYS B 662 -20.42 -15.09 27.79
N THR B 663 -20.28 -14.76 29.07
CA THR B 663 -21.41 -14.85 29.98
C THR B 663 -22.50 -13.85 29.62
N THR B 664 -22.13 -12.61 29.32
CA THR B 664 -23.15 -11.62 28.97
C THR B 664 -23.92 -12.05 27.73
N GLU B 665 -23.21 -12.46 26.68
CA GLU B 665 -23.90 -12.87 25.46
C GLU B 665 -24.74 -14.12 25.67
N SER B 666 -24.23 -15.08 26.44
CA SER B 666 -24.97 -16.33 26.66
C SER B 666 -26.19 -16.13 27.54
N ASN B 667 -26.23 -15.08 28.36
CA ASN B 667 -27.46 -14.78 29.08
C ASN B 667 -28.61 -14.48 28.13
N PHE B 668 -28.35 -13.68 27.08
CA PHE B 668 -29.40 -13.22 26.19
C PHE B 668 -29.83 -14.32 25.21
N GLY B 669 -28.89 -15.12 24.73
CA GLY B 669 -29.26 -16.26 23.91
C GLY B 669 -28.39 -16.44 22.68
N PHE B 670 -27.77 -15.36 22.22
CA PHE B 670 -26.95 -15.37 21.02
C PHE B 670 -25.55 -14.93 21.39
N ILE B 671 -24.59 -15.85 21.30
CA ILE B 671 -23.19 -15.57 21.59
C ILE B 671 -22.51 -15.15 20.30
N THR B 672 -21.80 -14.02 20.35
CA THR B 672 -21.21 -13.44 19.14
C THR B 672 -20.36 -14.47 18.41
N VAL B 673 -19.30 -14.96 19.05
CA VAL B 673 -18.38 -15.90 18.44
C VAL B 673 -18.30 -17.12 19.32
N LEU B 674 -18.74 -18.25 18.81
CA LEU B 674 -18.23 -19.51 19.34
C LEU B 674 -16.76 -19.56 18.97
N PRO B 675 -15.84 -19.42 19.93
CA PRO B 675 -14.42 -19.32 19.57
C PRO B 675 -13.94 -20.57 18.86
N GLY B 676 -13.14 -20.37 17.81
CA GLY B 676 -12.68 -21.48 17.01
C GLY B 676 -11.88 -22.49 17.79
N ALA B 677 -11.25 -22.07 18.89
CA ALA B 677 -10.42 -22.99 19.66
C ALA B 677 -11.25 -24.09 20.28
N PHE B 678 -12.41 -23.77 20.85
CA PHE B 678 -13.16 -24.76 21.62
C PHE B 678 -14.63 -24.32 21.64
N SER B 679 -15.44 -24.95 20.77
CA SER B 679 -16.84 -24.61 20.61
C SER B 679 -17.63 -25.83 20.16
N ALA B 680 -18.94 -25.80 20.33
CA ALA B 680 -19.80 -26.93 20.00
C ALA B 680 -21.17 -26.47 19.54
N TYR B 681 -21.63 -27.05 18.43
CA TYR B 681 -22.96 -26.78 17.86
C TYR B 681 -23.75 -28.08 17.78
N ARG B 682 -25.03 -28.04 18.17
CA ARG B 682 -25.91 -29.16 17.86
C ARG B 682 -26.09 -29.26 16.35
N PHE B 683 -25.99 -30.46 15.79
CA PHE B 683 -26.04 -30.58 14.33
C PHE B 683 -27.43 -30.24 13.80
N GLU B 684 -28.49 -30.71 14.46
CA GLU B 684 -29.84 -30.47 13.94
C GLU B 684 -30.17 -28.98 13.94
N ALA B 685 -29.57 -28.20 14.83
CA ALA B 685 -29.78 -26.76 14.82
C ALA B 685 -29.15 -26.13 13.58
N VAL B 686 -27.85 -26.36 13.39
CA VAL B 686 -27.14 -25.77 12.26
C VAL B 686 -27.61 -26.33 10.93
N ARG B 687 -28.21 -27.53 10.94
CA ARG B 687 -28.52 -28.24 9.71
C ARG B 687 -29.46 -27.45 8.82
N GLY B 688 -29.12 -27.36 7.53
CA GLY B 688 -29.99 -26.73 6.55
C GLY B 688 -29.56 -25.35 6.10
N GLN B 689 -30.36 -24.35 6.45
CA GLN B 689 -30.09 -22.97 6.02
C GLN B 689 -28.77 -22.43 6.57
N PRO B 690 -28.46 -22.55 7.86
CA PRO B 690 -27.21 -21.93 8.34
C PRO B 690 -25.95 -22.47 7.68
N LEU B 691 -25.87 -23.78 7.50
CA LEU B 691 -24.75 -24.37 6.78
C LEU B 691 -24.67 -23.81 5.36
N GLN B 692 -25.82 -23.73 4.68
CA GLN B 692 -25.83 -23.30 3.29
C GLN B 692 -25.33 -21.86 3.16
N LYS B 693 -25.81 -20.96 4.03
CA LYS B 693 -25.41 -19.57 3.91
C LYS B 693 -24.06 -19.29 4.55
N TYR B 694 -23.54 -20.20 5.36
CA TYR B 694 -22.18 -20.08 5.86
C TYR B 694 -21.16 -20.56 4.85
N PHE B 695 -21.51 -21.58 4.07
CA PHE B 695 -20.60 -22.12 3.07
C PHE B 695 -20.65 -21.32 1.76
N TYR B 696 -21.81 -21.29 1.12
CA TYR B 696 -21.88 -20.86 -0.26
C TYR B 696 -22.06 -19.36 -0.43
N GLY B 697 -22.16 -18.61 0.67
CA GLY B 697 -22.47 -17.20 0.58
C GLY B 697 -23.95 -16.97 0.34
N GLU B 698 -24.32 -15.70 0.28
CA GLU B 698 -25.72 -15.35 0.06
C GLU B 698 -26.14 -15.78 -1.33
N ILE B 699 -27.16 -16.64 -1.40
CA ILE B 699 -27.49 -17.35 -2.64
C ILE B 699 -27.91 -16.36 -3.72
N MET B 700 -28.81 -15.45 -3.39
CA MET B 700 -29.39 -14.55 -4.37
C MET B 700 -28.34 -13.52 -4.77
N GLU B 701 -27.76 -13.70 -5.95
CA GLU B 701 -26.69 -12.83 -6.41
C GLU B 701 -26.71 -12.79 -7.94
N ASN B 702 -26.47 -11.59 -8.49
CA ASN B 702 -26.31 -11.42 -9.92
C ASN B 702 -24.83 -11.59 -10.28
N GLU B 703 -24.49 -11.29 -11.54
CA GLU B 703 -23.09 -11.38 -11.95
C GLU B 703 -22.24 -10.33 -11.25
N GLY B 704 -22.75 -9.11 -11.11
CA GLY B 704 -22.03 -8.09 -10.39
C GLY B 704 -22.01 -8.33 -8.90
N PHE B 705 -21.06 -7.68 -8.23
CA PHE B 705 -20.87 -7.84 -6.80
C PHE B 705 -21.65 -6.78 -6.02
N HIS B 706 -22.28 -7.21 -4.94
CA HIS B 706 -22.85 -6.33 -3.93
C HIS B 706 -22.00 -6.42 -2.67
N PHE B 707 -22.37 -5.60 -1.67
CA PHE B 707 -21.56 -5.51 -0.46
C PHE B 707 -21.50 -6.85 0.27
N PHE B 708 -22.66 -7.34 0.73
CA PHE B 708 -22.67 -8.52 1.59
C PHE B 708 -22.30 -9.78 0.81
N SER B 709 -23.05 -10.09 -0.23
CA SER B 709 -22.84 -11.33 -0.96
C SER B 709 -21.41 -11.49 -1.46
N SER B 710 -20.67 -10.37 -1.46
CA SER B 710 -19.26 -10.36 -1.93
C SER B 710 -18.33 -9.91 -0.81
N ASN B 711 -18.76 -9.85 0.45
CA ASN B 711 -17.78 -9.44 1.50
C ASN B 711 -18.05 -10.18 2.82
N MET B 712 -18.69 -11.35 2.77
CA MET B 712 -19.07 -12.07 4.02
C MET B 712 -17.97 -13.07 4.38
N TYR B 713 -16.90 -13.12 3.59
CA TYR B 713 -15.77 -14.04 3.90
C TYR B 713 -15.04 -13.52 5.14
N LEU B 714 -15.04 -12.19 5.34
CA LEU B 714 -14.31 -11.61 6.49
C LEU B 714 -14.82 -12.24 7.79
N ALA B 715 -16.13 -12.29 7.97
CA ALA B 715 -16.72 -12.88 9.20
C ALA B 715 -16.90 -14.39 8.99
N GLU B 716 -16.03 -15.20 9.59
CA GLU B 716 -16.11 -16.67 9.45
C GLU B 716 -16.60 -17.26 10.78
N ASP B 717 -17.31 -18.39 10.73
CA ASP B 717 -17.74 -19.07 11.98
C ASP B 717 -18.45 -18.04 12.88
N ARG B 718 -18.87 -16.92 12.31
CA ARG B 718 -19.65 -15.90 13.07
C ARG B 718 -21.00 -15.80 12.38
N ILE B 719 -21.15 -16.41 11.19
CA ILE B 719 -22.41 -16.45 10.47
C ILE B 719 -23.27 -17.61 10.93
N LEU B 720 -22.65 -18.69 11.39
CA LEU B 720 -23.39 -19.85 11.88
C LEU B 720 -24.27 -19.45 13.06
N CYS B 721 -23.72 -18.66 13.98
CA CYS B 721 -24.49 -18.20 15.13
C CYS B 721 -25.75 -17.48 14.69
N PHE B 722 -25.60 -16.50 13.78
CA PHE B 722 -26.74 -15.73 13.30
C PHE B 722 -27.77 -16.64 12.66
N GLU B 723 -27.34 -17.44 11.69
CA GLU B 723 -28.32 -18.22 10.94
C GLU B 723 -28.92 -19.35 11.76
N VAL B 724 -28.34 -19.69 12.91
CA VAL B 724 -28.97 -20.67 13.79
C VAL B 724 -29.94 -20.03 14.75
N VAL B 725 -29.55 -18.92 15.38
CA VAL B 725 -30.37 -18.33 16.43
C VAL B 725 -31.66 -17.76 15.87
N THR B 726 -31.60 -17.13 14.70
CA THR B 726 -32.75 -16.50 14.07
C THR B 726 -33.36 -17.39 12.99
N LYS B 727 -33.33 -18.70 13.20
CA LYS B 727 -33.89 -19.62 12.22
C LYS B 727 -35.41 -19.54 12.19
N LYS B 728 -35.98 -19.79 11.01
CA LYS B 728 -37.42 -19.76 10.86
C LYS B 728 -38.07 -20.89 11.64
N ASN B 729 -39.07 -20.54 12.45
CA ASN B 729 -39.88 -21.52 13.19
C ASN B 729 -39.03 -22.36 14.14
N CYS B 730 -37.99 -21.77 14.70
CA CYS B 730 -37.13 -22.45 15.66
C CYS B 730 -36.75 -21.49 16.77
N ASN B 731 -36.51 -22.04 17.96
CA ASN B 731 -36.23 -21.25 19.15
C ASN B 731 -34.87 -21.58 19.75
N TRP B 732 -33.84 -21.68 18.91
CA TRP B 732 -32.53 -22.12 19.37
C TRP B 732 -31.83 -21.06 20.21
N ILE B 733 -31.07 -21.51 21.21
CA ILE B 733 -30.36 -20.65 22.14
C ILE B 733 -28.88 -21.03 22.09
N LEU B 734 -28.03 -20.06 22.43
CA LEU B 734 -26.60 -20.28 22.54
C LEU B 734 -26.17 -20.05 23.98
N LYS B 735 -25.42 -21.00 24.55
CA LYS B 735 -24.95 -20.91 25.92
C LYS B 735 -23.44 -21.09 25.99
N TYR B 736 -22.87 -20.60 27.09
CA TYR B 736 -21.43 -20.66 27.34
C TYR B 736 -21.18 -21.43 28.63
N CYS B 737 -20.34 -22.46 28.55
CA CYS B 737 -20.13 -23.40 29.64
C CYS B 737 -18.87 -23.00 30.41
N ARG B 738 -19.06 -22.54 31.64
CA ARG B 738 -17.93 -22.11 32.46
C ARG B 738 -17.12 -23.27 33.00
N SER B 739 -17.78 -24.35 33.41
CA SER B 739 -17.09 -25.46 34.07
C SER B 739 -16.12 -26.20 33.16
N SER B 740 -15.97 -25.77 31.92
CA SER B 740 -15.05 -26.37 30.97
C SER B 740 -14.05 -25.33 30.51
N TYR B 741 -12.77 -25.68 30.52
CA TYR B 741 -11.74 -24.72 30.14
C TYR B 741 -10.74 -25.36 29.20
N ALA B 742 -10.12 -24.52 28.38
CA ALA B 742 -9.06 -24.93 27.49
C ALA B 742 -7.97 -23.88 27.52
N SER B 743 -6.71 -24.30 27.68
CA SER B 743 -5.60 -23.36 27.76
C SER B 743 -4.82 -23.39 26.45
N THR B 744 -4.70 -22.24 25.82
CA THR B 744 -4.16 -22.12 24.48
C THR B 744 -2.71 -21.70 24.52
N ASP B 745 -2.05 -21.83 23.38
CA ASP B 745 -0.76 -21.22 23.15
C ASP B 745 -0.95 -19.85 22.51
N VAL B 746 0.00 -18.96 22.77
CA VAL B 746 -0.10 -17.62 22.21
C VAL B 746 1.21 -17.29 21.51
N PRO B 747 1.15 -16.57 20.39
CA PRO B 747 2.37 -16.01 19.81
C PRO B 747 2.97 -14.99 20.77
N GLU B 748 4.32 -14.97 20.79
CA GLU B 748 5.05 -14.19 21.78
C GLU B 748 5.93 -13.10 21.21
N ARG B 749 5.93 -12.88 19.89
CA ARG B 749 6.63 -11.77 19.28
C ARG B 749 5.65 -10.93 18.47
N VAL B 750 5.94 -9.64 18.38
CA VAL B 750 4.97 -8.64 17.92
C VAL B 750 4.52 -8.84 16.47
N PRO B 751 5.39 -9.15 15.51
CA PRO B 751 4.90 -9.37 14.14
C PRO B 751 3.76 -10.38 14.02
N GLU B 752 3.98 -11.62 14.45
CA GLU B 752 2.95 -12.64 14.30
C GLU B 752 1.71 -12.32 15.12
N PHE B 753 1.88 -11.58 16.20
CA PHE B 753 0.74 -11.07 16.96
C PHE B 753 -0.16 -10.21 16.08
N ILE B 754 0.43 -9.24 15.38
CA ILE B 754 -0.35 -8.36 14.52
C ILE B 754 -0.99 -9.14 13.39
N LEU B 755 -0.23 -10.03 12.77
CA LEU B 755 -0.79 -10.85 11.68
C LEU B 755 -1.98 -11.67 12.16
N GLN B 756 -1.96 -12.15 13.41
CA GLN B 756 -3.09 -12.93 13.89
C GLN B 756 -4.29 -12.05 14.20
N ARG B 757 -4.09 -10.93 14.88
CA ARG B 757 -5.24 -10.12 15.29
C ARG B 757 -5.87 -9.38 14.12
N ARG B 758 -5.19 -9.23 12.99
CA ARG B 758 -5.87 -8.58 11.84
C ARG B 758 -7.04 -9.45 11.36
N ARG B 759 -6.92 -10.78 11.44
CA ARG B 759 -8.08 -11.60 11.10
C ARG B 759 -9.25 -11.33 12.03
N TRP B 760 -8.97 -11.28 13.34
CA TRP B 760 -10.04 -11.15 14.31
C TRP B 760 -10.79 -9.84 14.16
N LEU B 761 -10.07 -8.74 13.96
CA LEU B 761 -10.73 -7.44 13.90
C LEU B 761 -11.68 -7.36 12.70
N ASN B 762 -11.19 -7.79 11.53
CA ASN B 762 -12.03 -7.77 10.33
C ASN B 762 -13.22 -8.71 10.47
N GLY B 763 -13.00 -9.89 11.02
CA GLY B 763 -14.11 -10.81 11.22
C GLY B 763 -15.20 -10.21 12.08
N SER B 764 -14.81 -9.63 13.21
CA SER B 764 -15.81 -9.07 14.12
C SER B 764 -16.55 -7.92 13.44
N PHE B 765 -15.84 -7.05 12.73
CA PHE B 765 -16.52 -5.95 12.05
C PHE B 765 -17.54 -6.43 11.03
N PHE B 766 -17.12 -7.28 10.09
CA PHE B 766 -18.04 -7.66 9.03
C PHE B 766 -19.21 -8.47 9.59
N ALA B 767 -18.94 -9.38 10.53
CA ALA B 767 -20.02 -10.18 11.10
C ALA B 767 -21.02 -9.30 11.84
N SER B 768 -20.54 -8.34 12.63
CA SER B 768 -21.47 -7.50 13.37
C SER B 768 -22.30 -6.63 12.44
N VAL B 769 -21.66 -6.04 11.42
CA VAL B 769 -22.41 -5.19 10.49
C VAL B 769 -23.48 -6.00 9.78
N TYR B 770 -23.13 -7.20 9.26
CA TYR B 770 -24.13 -8.01 8.59
C TYR B 770 -25.27 -8.40 9.53
N SER B 771 -24.92 -8.97 10.69
CA SER B 771 -25.95 -9.50 11.57
C SER B 771 -26.85 -8.41 12.11
N PHE B 772 -26.32 -7.19 12.26
CA PHE B 772 -27.19 -6.07 12.61
C PHE B 772 -28.06 -5.65 11.45
N CYS B 773 -27.50 -5.50 10.26
CA CYS B 773 -28.28 -5.05 9.13
C CYS B 773 -29.34 -6.06 8.72
N HIS B 774 -29.30 -7.27 9.26
CA HIS B 774 -30.38 -8.24 9.10
C HIS B 774 -31.05 -8.56 10.44
N PHE B 775 -31.26 -7.56 11.30
CA PHE B 775 -31.85 -7.87 12.59
C PHE B 775 -33.34 -8.15 12.49
N TYR B 776 -33.97 -7.76 11.39
CA TYR B 776 -35.43 -7.83 11.30
C TYR B 776 -35.94 -9.27 11.29
N ARG B 777 -35.16 -10.20 10.74
CA ARG B 777 -35.63 -11.58 10.66
C ARG B 777 -35.59 -12.29 12.01
N VAL B 778 -35.02 -11.65 13.04
CA VAL B 778 -35.18 -12.14 14.40
C VAL B 778 -36.66 -12.34 14.70
N TRP B 779 -37.50 -11.44 14.18
CA TRP B 779 -38.93 -11.48 14.41
C TRP B 779 -39.65 -12.41 13.46
N SER B 780 -38.94 -13.01 12.50
CA SER B 780 -39.53 -14.00 11.60
C SER B 780 -39.29 -15.43 12.09
N SER B 781 -38.69 -15.59 13.25
CA SER B 781 -38.26 -16.88 13.75
C SER B 781 -39.41 -17.58 14.48
N GLY B 782 -39.09 -18.68 15.15
CA GLY B 782 -40.02 -19.37 16.02
C GLY B 782 -39.86 -19.05 17.49
N HIS B 783 -39.07 -18.03 17.82
CA HIS B 783 -38.86 -17.67 19.20
C HIS B 783 -40.16 -17.17 19.84
N ASN B 784 -40.31 -17.42 21.14
CA ASN B 784 -41.40 -16.81 21.86
C ASN B 784 -41.15 -15.31 22.00
N ILE B 785 -42.23 -14.56 22.25
CA ILE B 785 -42.16 -13.10 22.17
C ILE B 785 -41.09 -12.55 23.11
N GLY B 786 -40.99 -13.11 24.31
CA GLY B 786 -39.92 -12.70 25.22
C GLY B 786 -38.55 -12.97 24.63
N ARG B 787 -38.37 -14.14 24.02
CA ARG B 787 -37.10 -14.47 23.38
C ARG B 787 -36.82 -13.53 22.22
N LYS B 788 -37.85 -13.21 21.44
CA LYS B 788 -37.69 -12.29 20.31
C LYS B 788 -37.23 -10.93 20.77
N LEU B 789 -37.86 -10.40 21.83
CA LEU B 789 -37.47 -9.10 22.36
C LEU B 789 -36.05 -9.15 22.91
N LEU B 790 -35.70 -10.22 23.62
CA LEU B 790 -34.35 -10.35 24.17
C LEU B 790 -33.32 -10.34 23.06
N LEU B 791 -33.57 -11.07 21.98
CA LEU B 791 -32.59 -11.17 20.91
C LEU B 791 -32.49 -9.87 20.12
N THR B 792 -33.61 -9.17 19.93
CA THR B 792 -33.53 -7.84 19.31
C THR B 792 -32.66 -6.91 20.16
N VAL B 793 -32.89 -6.89 21.47
CA VAL B 793 -32.10 -6.04 22.36
C VAL B 793 -30.63 -6.40 22.27
N GLU B 794 -30.32 -7.70 22.27
CA GLU B 794 -28.92 -8.08 22.27
C GLU B 794 -28.25 -7.78 20.93
N PHE B 795 -28.96 -7.95 19.81
CA PHE B 795 -28.36 -7.59 18.53
C PHE B 795 -28.06 -6.10 18.47
N PHE B 796 -28.96 -5.28 19.01
CA PHE B 796 -28.67 -3.86 19.09
C PHE B 796 -27.45 -3.62 19.99
N TYR B 797 -27.30 -4.42 21.04
CA TYR B 797 -26.15 -4.27 21.93
C TYR B 797 -24.83 -4.58 21.21
N LEU B 798 -24.80 -5.67 20.44
CA LEU B 798 -23.61 -5.99 19.66
C LEU B 798 -23.30 -4.92 18.61
N PHE B 799 -24.32 -4.40 17.92
CA PHE B 799 -24.01 -3.37 16.94
C PHE B 799 -23.52 -2.10 17.63
N PHE B 800 -24.04 -1.81 18.82
CA PHE B 800 -23.49 -0.74 19.65
C PHE B 800 -22.02 -0.96 19.94
N ASN B 801 -21.64 -2.18 20.34
CA ASN B 801 -20.24 -2.46 20.64
C ASN B 801 -19.36 -2.28 19.41
N THR B 802 -19.83 -2.75 18.25
CA THR B 802 -19.04 -2.57 17.03
C THR B 802 -18.94 -1.11 16.62
N LEU B 803 -20.00 -0.35 16.85
CA LEU B 803 -19.94 1.09 16.61
C LEU B 803 -18.91 1.75 17.51
N ILE B 804 -18.68 1.22 18.71
CA ILE B 804 -17.59 1.72 19.55
C ILE B 804 -16.24 1.31 18.98
N SER B 805 -16.11 0.04 18.60
CA SER B 805 -14.82 -0.44 18.10
C SER B 805 -14.42 0.20 16.78
N TRP B 806 -15.37 0.81 16.07
CA TRP B 806 -15.02 1.55 14.85
C TRP B 806 -14.49 2.93 15.14
N PHE B 807 -14.98 3.60 16.18
CA PHE B 807 -14.49 4.89 16.58
C PHE B 807 -13.37 4.79 17.61
N SER B 808 -12.90 3.56 17.88
CA SER B 808 -11.79 3.34 18.79
C SER B 808 -10.56 4.20 18.47
N LEU B 809 -10.19 4.32 17.19
CA LEU B 809 -8.97 5.04 16.84
C LEU B 809 -9.05 6.51 17.23
N SER B 810 -10.13 7.18 16.84
CA SER B 810 -10.29 8.57 17.26
C SER B 810 -10.48 8.69 18.74
N SER B 811 -11.13 7.71 19.39
CA SER B 811 -11.30 7.80 20.84
C SER B 811 -9.96 7.75 21.55
N PHE B 812 -9.06 6.86 21.13
CA PHE B 812 -7.76 6.82 21.77
C PHE B 812 -6.96 8.07 21.47
N PHE B 813 -7.01 8.57 20.23
CA PHE B 813 -6.25 9.78 19.95
C PHE B 813 -6.73 10.94 20.80
N LEU B 814 -8.04 11.13 20.93
CA LEU B 814 -8.52 12.25 21.73
C LEU B 814 -8.32 12.03 23.22
N VAL B 815 -8.40 10.78 23.70
CA VAL B 815 -8.08 10.55 25.11
C VAL B 815 -6.62 10.90 25.38
N PHE B 816 -5.71 10.36 24.57
CA PHE B 816 -4.30 10.66 24.72
C PHE B 816 -4.03 12.15 24.59
N ARG B 817 -4.59 12.78 23.57
CA ARG B 817 -4.23 14.16 23.27
C ARG B 817 -4.83 15.12 24.29
N ILE B 818 -6.08 14.91 24.69
CA ILE B 818 -6.69 15.77 25.69
C ILE B 818 -6.06 15.51 27.05
N LEU B 819 -5.71 14.27 27.36
CA LEU B 819 -5.07 13.95 28.62
C LEU B 819 -3.70 14.59 28.73
N THR B 820 -2.95 14.59 27.62
CA THR B 820 -1.63 15.21 27.61
C THR B 820 -1.73 16.73 27.64
N VAL B 821 -2.62 17.31 26.83
CA VAL B 821 -2.76 18.75 26.82
C VAL B 821 -3.31 19.25 28.15
N SER B 822 -4.09 18.43 28.85
CA SER B 822 -4.67 18.86 30.11
C SER B 822 -3.58 19.04 31.17
N ILE B 823 -2.71 18.04 31.32
CA ILE B 823 -1.60 18.15 32.26
C ILE B 823 -0.66 19.27 31.83
N ALA B 824 -0.43 19.34 30.51
CA ALA B 824 0.46 20.37 29.94
C ALA B 824 -0.16 21.76 30.12
N LEU B 825 -1.48 21.83 30.30
CA LEU B 825 -2.14 23.15 30.43
C LEU B 825 -2.46 23.42 31.90
N ALA B 826 -2.01 22.55 32.81
CA ALA B 826 -2.17 22.81 34.26
C ALA B 826 -0.83 22.56 34.96
N TYR B 827 -0.20 21.42 34.68
CA TYR B 827 1.14 21.13 35.23
C TYR B 827 2.18 22.00 34.52
N HIS B 828 1.97 22.25 33.23
CA HIS B 828 2.97 23.02 32.44
C HIS B 828 4.30 22.29 32.51
N SER B 829 5.36 22.96 32.93
CA SER B 829 6.67 22.29 33.15
C SER B 829 7.07 21.42 31.94
N ALA B 830 7.66 20.25 32.21
CA ALA B 830 8.21 19.41 31.13
C ALA B 830 7.10 18.68 30.38
N PHE B 831 5.84 18.94 30.74
CA PHE B 831 4.71 18.20 30.11
C PHE B 831 4.42 18.80 28.73
N ASN B 832 4.53 20.12 28.59
CA ASN B 832 4.26 20.80 27.29
C ASN B 832 5.22 20.27 26.23
N VAL B 833 6.52 20.30 26.51
CA VAL B 833 7.54 19.75 25.56
C VAL B 833 7.22 18.26 25.37
N LEU B 834 6.86 17.57 26.45
CA LEU B 834 6.55 16.13 26.37
C LEU B 834 5.22 15.96 25.64
N SER B 835 4.37 17.00 25.65
CA SER B 835 3.08 16.93 24.90
C SER B 835 3.35 16.93 23.40
N VAL B 836 4.10 17.93 22.91
CA VAL B 836 4.46 17.99 21.46
C VAL B 836 5.37 16.82 21.13
N ILE B 837 6.23 16.44 22.08
CA ILE B 837 7.19 15.30 21.85
C ILE B 837 6.36 14.03 21.64
N PHE B 838 5.41 13.76 22.55
CA PHE B 838 4.56 12.55 22.44
C PHE B 838 3.61 12.72 21.25
N LEU B 839 3.06 13.93 21.06
CA LEU B 839 2.23 14.16 19.85
C LEU B 839 3.12 13.83 18.64
N TRP B 840 4.30 14.46 18.53
CA TRP B 840 5.08 14.18 17.34
C TRP B 840 5.47 12.71 17.27
N LEU B 841 5.76 12.08 18.41
CA LEU B 841 6.04 10.64 18.40
C LEU B 841 4.82 9.84 18.00
N TYR B 842 3.63 10.23 18.52
CA TYR B 842 2.41 9.55 18.11
C TYR B 842 2.16 9.74 16.63
N GLY B 843 2.37 10.95 16.12
CA GLY B 843 2.17 11.20 14.71
C GLY B 843 3.13 10.43 13.83
N ILE B 844 4.41 10.41 14.20
CA ILE B 844 5.39 9.67 13.40
C ILE B 844 5.08 8.18 13.44
N CYS B 845 4.75 7.65 14.63
CA CYS B 845 4.46 6.23 14.75
C CYS B 845 3.18 5.86 14.00
N THR B 846 2.16 6.71 14.06
CA THR B 846 0.88 6.42 13.40
C THR B 846 0.99 6.55 11.89
N LEU B 847 1.63 7.62 11.41
CA LEU B 847 1.86 7.74 9.97
C LEU B 847 2.72 6.61 9.47
N SER B 848 3.76 6.23 10.22
CA SER B 848 4.58 5.10 9.85
C SER B 848 3.78 3.82 9.88
N THR B 849 2.79 3.71 10.77
CA THR B 849 1.96 2.52 10.82
C THR B 849 1.06 2.41 9.59
N PHE B 850 0.44 3.52 9.19
CA PHE B 850 -0.26 3.52 7.90
C PHE B 850 0.66 3.17 6.74
N ILE B 851 1.83 3.79 6.67
CA ILE B 851 2.67 3.56 5.51
C ILE B 851 3.22 2.14 5.49
N LEU B 852 3.56 1.59 6.65
CA LEU B 852 4.10 0.24 6.72
C LEU B 852 2.99 -0.80 6.54
N SER B 853 1.77 -0.47 6.94
CA SER B 853 0.65 -1.39 6.76
C SER B 853 0.21 -1.42 5.30
N LEU B 854 0.17 -0.25 4.65
CA LEU B 854 -0.28 -0.17 3.27
C LEU B 854 0.79 -0.69 2.31
N GLY B 855 2.05 -0.32 2.54
CA GLY B 855 3.09 -0.66 1.60
C GLY B 855 4.01 -1.79 2.01
N ASN B 856 4.28 -1.93 3.30
CA ASN B 856 5.27 -2.86 3.81
C ASN B 856 4.59 -4.04 4.51
N LYS B 857 5.41 -4.94 5.03
CA LYS B 857 4.96 -6.11 5.76
C LYS B 857 5.53 -6.10 7.17
N PRO B 858 4.87 -6.78 8.12
CA PRO B 858 5.30 -6.65 9.52
C PRO B 858 6.60 -7.38 9.83
N LYS B 859 6.78 -8.59 9.31
CA LYS B 859 8.00 -9.34 9.60
C LYS B 859 9.26 -8.58 9.18
N SER B 860 9.17 -7.81 8.08
CA SER B 860 10.37 -7.19 7.52
C SER B 860 10.86 -6.04 8.38
N THR B 861 9.95 -5.33 9.04
CA THR B 861 10.32 -4.26 9.98
C THR B 861 9.91 -4.66 11.40
N GLU B 862 10.77 -5.43 12.05
CA GLU B 862 10.47 -5.94 13.38
C GLU B 862 10.92 -5.00 14.49
N LYS B 863 12.15 -4.51 14.40
CA LYS B 863 12.66 -3.64 15.45
C LYS B 863 11.89 -2.33 15.51
N PHE B 864 11.37 -1.86 14.36
CA PHE B 864 10.58 -0.64 14.41
C PHE B 864 9.24 -0.88 15.10
N TYR B 865 8.60 -2.03 14.87
CA TYR B 865 7.41 -2.37 15.66
C TYR B 865 7.72 -2.53 17.14
N VAL B 866 8.85 -3.13 17.48
CA VAL B 866 9.17 -3.23 18.91
C VAL B 866 9.36 -1.84 19.51
N LEU B 867 10.00 -0.94 18.75
CA LEU B 867 10.16 0.43 19.23
C LEU B 867 8.82 1.17 19.27
N THR B 868 7.95 0.91 18.30
CA THR B 868 6.62 1.52 18.30
C THR B 868 5.83 1.08 19.51
N CYS B 869 5.89 -0.22 19.83
CA CYS B 869 5.19 -0.73 21.01
C CYS B 869 5.78 -0.16 22.29
N VAL B 870 7.10 0.01 22.33
CA VAL B 870 7.71 0.61 23.53
C VAL B 870 7.35 2.08 23.64
N ILE B 871 7.29 2.79 22.52
CA ILE B 871 6.89 4.19 22.54
C ILE B 871 5.44 4.31 23.03
N PHE B 872 4.56 3.46 22.50
CA PHE B 872 3.17 3.49 22.95
C PHE B 872 3.05 3.07 24.40
N ALA B 873 3.93 2.17 24.86
CA ALA B 873 3.89 1.75 26.26
C ALA B 873 4.33 2.89 27.18
N VAL B 874 5.38 3.62 26.82
CA VAL B 874 5.78 4.75 27.65
C VAL B 874 4.76 5.88 27.53
N MET B 875 4.05 5.97 26.40
CA MET B 875 2.93 6.88 26.30
C MET B 875 1.83 6.51 27.29
N MET B 876 1.56 5.20 27.41
CA MET B 876 0.59 4.75 28.39
C MET B 876 1.05 5.05 29.81
N ILE B 877 2.34 4.87 30.08
CA ILE B 877 2.88 5.23 31.39
C ILE B 877 2.68 6.71 31.64
N TYR B 878 2.90 7.53 30.61
CA TYR B 878 2.73 8.98 30.76
C TYR B 878 1.27 9.32 31.01
N MET B 879 0.34 8.69 30.30
CA MET B 879 -1.07 8.97 30.52
C MET B 879 -1.51 8.54 31.91
N ILE B 880 -1.01 7.40 32.39
CA ILE B 880 -1.33 6.96 33.75
C ILE B 880 -0.74 7.93 34.77
N PHE B 881 0.49 8.37 34.54
CA PHE B 881 1.11 9.36 35.39
C PHE B 881 0.28 10.63 35.46
N CYS B 882 -0.17 11.13 34.31
CA CYS B 882 -1.02 12.30 34.28
C CYS B 882 -2.31 12.05 35.05
N SER B 883 -2.91 10.87 34.84
CA SER B 883 -4.12 10.51 35.55
C SER B 883 -3.95 10.65 37.05
N ILE B 884 -2.98 9.93 37.61
CA ILE B 884 -2.80 9.92 39.06
C ILE B 884 -2.42 11.31 39.56
N PHE B 885 -1.49 11.97 38.87
CA PHE B 885 -1.01 13.27 39.32
C PHE B 885 -2.14 14.28 39.39
N MET B 886 -2.91 14.40 38.31
CA MET B 886 -4.01 15.36 38.27
C MET B 886 -5.07 14.98 39.29
N SER B 887 -5.35 13.69 39.46
CA SER B 887 -6.36 13.25 40.42
C SER B 887 -5.97 13.66 41.84
N VAL B 888 -4.74 13.35 42.24
CA VAL B 888 -4.33 13.63 43.62
C VAL B 888 -4.23 15.14 43.85
N LYS B 889 -3.82 15.90 42.83
CA LYS B 889 -3.74 17.34 43.03
C LYS B 889 -5.13 17.97 43.08
N SER B 890 -6.09 17.42 42.34
CA SER B 890 -7.47 17.87 42.49
C SER B 890 -8.01 17.53 43.87
N ILE B 914 -13.35 11.56 36.77
CA ILE B 914 -12.47 10.58 36.12
C ILE B 914 -11.96 9.56 37.14
N VAL B 915 -11.60 10.01 38.35
CA VAL B 915 -11.11 9.06 39.34
C VAL B 915 -12.24 8.15 39.82
N ILE B 916 -13.44 8.71 39.99
CA ILE B 916 -14.59 7.88 40.38
C ILE B 916 -14.84 6.80 39.34
N SER B 917 -14.85 7.19 38.05
CA SER B 917 -15.13 6.23 36.99
C SER B 917 -14.04 5.18 36.88
N LEU B 918 -12.77 5.59 36.99
CA LEU B 918 -11.68 4.62 36.87
C LEU B 918 -11.71 3.63 38.03
N GLY B 919 -11.88 4.12 39.26
CA GLY B 919 -12.01 3.22 40.39
C GLY B 919 -13.21 2.30 40.24
N SER B 920 -14.33 2.83 39.75
CA SER B 920 -15.54 2.02 39.59
C SER B 920 -15.33 0.91 38.58
N THR B 921 -14.72 1.22 37.43
CA THR B 921 -14.52 0.17 36.43
C THR B 921 -13.51 -0.86 36.91
N TYR B 922 -12.44 -0.43 37.59
CA TYR B 922 -11.49 -1.41 38.11
C TYR B 922 -12.12 -2.29 39.17
N CYS B 923 -12.97 -1.71 40.03
CA CYS B 923 -13.64 -2.50 41.06
C CYS B 923 -14.66 -3.45 40.45
N LEU B 924 -15.33 -3.04 39.37
CA LEU B 924 -16.22 -3.96 38.68
C LEU B 924 -15.44 -5.13 38.08
N TYR B 925 -14.31 -4.83 37.44
CA TYR B 925 -13.39 -5.87 36.98
C TYR B 925 -13.05 -6.85 38.11
N LEU B 926 -12.63 -6.30 39.26
CA LEU B 926 -12.14 -7.13 40.35
C LEU B 926 -13.26 -7.95 40.98
N ILE B 927 -14.43 -7.34 41.21
CA ILE B 927 -15.55 -8.05 41.81
C ILE B 927 -16.06 -9.15 40.87
N SER B 928 -16.03 -8.87 39.57
CA SER B 928 -16.44 -9.87 38.57
C SER B 928 -15.36 -10.95 38.44
N SER B 929 -14.09 -10.53 38.38
CA SER B 929 -12.98 -11.50 38.21
C SER B 929 -13.00 -12.50 39.36
N ILE B 930 -13.14 -12.01 40.60
CA ILE B 930 -13.19 -12.91 41.79
C ILE B 930 -14.46 -13.76 41.70
N ILE B 931 -15.60 -13.15 41.35
CA ILE B 931 -16.87 -13.92 41.18
C ILE B 931 -16.59 -15.09 40.23
N TYR B 932 -15.82 -14.85 39.17
CA TYR B 932 -15.51 -15.90 38.17
C TYR B 932 -14.54 -16.91 38.79
N LEU B 933 -13.97 -16.58 39.95
CA LEU B 933 -13.05 -17.52 40.68
C LEU B 933 -11.70 -17.60 39.94
N GLN B 934 -11.33 -16.56 39.20
CA GLN B 934 -10.01 -16.52 38.52
C GLN B 934 -9.45 -15.10 38.59
N PRO B 935 -9.14 -14.56 39.79
CA PRO B 935 -8.69 -13.18 39.93
C PRO B 935 -7.16 -12.97 39.97
N TRP B 936 -6.40 -14.04 40.16
CA TRP B 936 -4.92 -13.92 40.29
C TRP B 936 -4.34 -13.21 39.07
N HIS B 937 -4.96 -13.38 37.90
CA HIS B 937 -4.46 -12.75 36.66
C HIS B 937 -4.36 -11.23 36.86
N MET B 938 -5.30 -10.64 37.61
CA MET B 938 -5.32 -9.17 37.78
C MET B 938 -4.05 -8.69 38.49
N LEU B 939 -3.17 -9.61 38.90
CA LEU B 939 -1.88 -9.19 39.50
C LEU B 939 -0.79 -9.95 38.74
N THR B 940 -1.20 -10.89 37.87
CA THR B 940 -0.21 -11.65 37.06
C THR B 940 0.35 -10.71 35.99
N SER B 941 0.67 -9.47 36.38
CA SER B 941 1.13 -8.45 35.41
C SER B 941 -0.09 -7.78 34.75
N PHE B 942 -1.04 -8.57 34.26
CA PHE B 942 -2.30 -8.01 33.68
C PHE B 942 -2.07 -6.61 33.10
N ILE B 943 -2.71 -5.59 33.66
CA ILE B 943 -2.58 -4.18 33.18
C ILE B 943 -1.11 -3.74 33.23
N GLN B 944 -0.36 -4.20 34.25
CA GLN B 944 1.08 -3.88 34.29
C GLN B 944 1.67 -4.28 32.95
N TYR B 945 1.19 -5.40 32.39
CA TYR B 945 1.67 -5.83 31.05
C TYR B 945 0.62 -5.46 29.99
N ILE B 946 -0.43 -4.73 30.39
CA ILE B 946 -1.46 -4.25 29.41
C ILE B 946 -0.94 -2.98 28.75
N LEU B 947 0.29 -2.57 29.07
CA LEU B 947 0.89 -1.40 28.38
C LEU B 947 0.78 -1.66 26.88
N LEU B 948 0.64 -2.92 26.49
CA LEU B 948 0.48 -3.28 25.05
C LEU B 948 -0.90 -2.79 24.57
N SER B 949 -1.77 -2.35 25.49
CA SER B 949 -3.13 -1.91 25.11
C SER B 949 -3.06 -0.74 24.13
N PRO B 950 -2.28 0.33 24.41
CA PRO B 950 -2.17 1.39 23.41
C PRO B 950 -1.92 0.76 22.04
N SER B 951 -1.01 -0.21 21.97
CA SER B 951 -0.72 -0.89 20.72
C SER B 951 -1.86 -1.77 20.27
N TYR B 952 -2.77 -2.13 21.17
CA TYR B 952 -3.97 -2.86 20.76
C TYR B 952 -4.92 -1.94 20.00
N ILE B 953 -5.10 -0.72 20.51
CA ILE B 953 -6.10 0.17 19.93
C ILE B 953 -5.64 0.74 18.59
N ASN B 954 -4.35 1.07 18.46
CA ASN B 954 -3.86 1.77 17.29
C ASN B 954 -3.15 0.89 16.29
N VAL B 955 -2.11 0.17 16.72
CA VAL B 955 -1.30 -0.59 15.78
C VAL B 955 -2.07 -1.78 15.22
N LEU B 956 -3.01 -2.35 15.98
CA LEU B 956 -3.77 -3.47 15.46
C LEU B 956 -4.93 -3.01 14.59
N ASN B 957 -5.65 -1.97 14.99
CA ASN B 957 -6.75 -1.46 14.16
C ASN B 957 -6.23 -0.88 12.85
N ILE B 958 -5.14 -0.10 12.91
CA ILE B 958 -4.61 0.49 11.68
C ILE B 958 -4.23 -0.59 10.70
N TYR B 959 -3.49 -1.59 11.16
CA TYR B 959 -3.12 -2.69 10.28
C TYR B 959 -4.33 -3.53 9.87
N ALA B 960 -5.40 -3.52 10.67
CA ALA B 960 -6.56 -4.33 10.36
C ALA B 960 -7.37 -3.72 9.23
N PHE B 961 -7.80 -2.47 9.41
CA PHE B 961 -8.59 -1.81 8.37
C PHE B 961 -7.75 -1.40 7.16
N CYS B 962 -6.47 -1.12 7.34
CA CYS B 962 -5.63 -0.86 6.17
C CYS B 962 -5.38 -2.12 5.35
N ASN B 963 -5.75 -3.29 5.86
CA ASN B 963 -5.55 -4.56 5.17
C ASN B 963 -6.83 -5.38 5.20
N VAL B 964 -7.95 -4.76 4.81
CA VAL B 964 -9.25 -5.41 4.95
C VAL B 964 -9.29 -6.74 4.21
N HIS B 965 -8.87 -6.75 2.95
CA HIS B 965 -9.16 -7.87 2.07
C HIS B 965 -7.96 -8.77 1.79
N ASP B 966 -6.77 -8.41 2.26
CA ASP B 966 -5.58 -9.25 2.08
C ASP B 966 -5.35 -9.56 0.61
N LEU B 967 -5.08 -8.49 -0.15
CA LEU B 967 -4.98 -8.61 -1.60
C LEU B 967 -3.71 -9.34 -2.02
N SER B 968 -3.79 -10.02 -3.17
CA SER B 968 -2.64 -10.63 -3.83
C SER B 968 -2.83 -10.37 -5.33
N TRP B 969 -2.24 -9.28 -5.80
CA TRP B 969 -2.43 -8.84 -7.19
C TRP B 969 -1.91 -9.86 -8.18
N TYR B 1028 -11.69 -13.44 -14.25
CA TYR B 1028 -12.58 -13.34 -13.10
C TYR B 1028 -11.80 -12.88 -11.87
N ASP B 1029 -10.55 -13.31 -11.77
CA ASP B 1029 -9.74 -12.99 -10.60
C ASP B 1029 -9.28 -11.53 -10.61
N GLU B 1030 -8.96 -11.00 -11.79
CA GLU B 1030 -8.48 -9.63 -11.86
C GLU B 1030 -9.58 -8.63 -11.52
N LYS B 1031 -10.78 -8.82 -12.08
CA LYS B 1031 -11.89 -7.96 -11.71
C LYS B 1031 -12.24 -8.11 -10.23
N LYS B 1032 -12.14 -9.33 -9.70
CA LYS B 1032 -12.34 -9.56 -8.28
C LYS B 1032 -11.35 -8.74 -7.46
N THR B 1033 -10.07 -8.79 -7.83
CA THR B 1033 -9.03 -8.04 -7.11
C THR B 1033 -9.26 -6.54 -7.22
N GLY B 1034 -9.66 -6.06 -8.39
CA GLY B 1034 -9.92 -4.63 -8.54
C GLY B 1034 -11.07 -4.16 -7.68
N TYR B 1035 -12.17 -4.94 -7.65
CA TYR B 1035 -13.30 -4.57 -6.82
C TYR B 1035 -12.93 -4.63 -5.34
N TYR B 1036 -12.17 -5.64 -4.93
CA TYR B 1036 -11.76 -5.75 -3.53
C TYR B 1036 -10.84 -4.60 -3.17
N ALA B 1037 -9.95 -4.21 -4.08
CA ALA B 1037 -9.08 -3.06 -3.83
C ALA B 1037 -9.89 -1.79 -3.66
N ASN B 1038 -10.92 -1.59 -4.50
CA ASN B 1038 -11.74 -0.40 -4.34
C ASN B 1038 -12.50 -0.42 -3.03
N VAL B 1039 -13.07 -1.56 -2.65
CA VAL B 1039 -13.81 -1.62 -1.38
C VAL B 1039 -12.86 -1.41 -0.20
N ARG B 1040 -11.68 -2.01 -0.26
CA ARG B 1040 -10.67 -1.83 0.78
C ARG B 1040 -10.27 -0.37 0.91
N SER B 1041 -9.89 0.25 -0.21
CA SER B 1041 -9.47 1.63 -0.22
C SER B 1041 -10.61 2.59 0.05
N LEU B 1042 -11.85 2.12 0.01
CA LEU B 1042 -12.98 2.98 0.35
C LEU B 1042 -13.39 2.86 1.81
N VAL B 1043 -13.33 1.65 2.38
CA VAL B 1043 -13.57 1.53 3.81
C VAL B 1043 -12.45 2.20 4.59
N ILE B 1044 -11.22 2.22 4.05
CA ILE B 1044 -10.15 2.94 4.72
C ILE B 1044 -10.45 4.43 4.76
N ILE B 1045 -10.88 5.01 3.65
CA ILE B 1045 -11.13 6.46 3.66
C ILE B 1045 -12.36 6.79 4.48
N PHE B 1046 -13.39 5.94 4.47
CA PHE B 1046 -14.50 6.18 5.40
C PHE B 1046 -14.06 6.07 6.85
N TRP B 1047 -13.24 5.08 7.19
CA TRP B 1047 -12.72 4.98 8.55
C TRP B 1047 -12.01 6.27 8.94
N VAL B 1048 -11.07 6.71 8.09
CA VAL B 1048 -10.27 7.88 8.42
C VAL B 1048 -11.13 9.13 8.48
N ILE B 1049 -12.07 9.30 7.54
CA ILE B 1049 -12.81 10.55 7.46
C ILE B 1049 -13.89 10.61 8.53
N THR B 1050 -14.53 9.48 8.86
CA THR B 1050 -15.50 9.52 9.95
C THR B 1050 -14.82 9.74 11.29
N ASN B 1051 -13.72 9.01 11.55
CA ASN B 1051 -12.95 9.29 12.75
C ASN B 1051 -12.51 10.74 12.78
N PHE B 1052 -12.09 11.29 11.65
CA PHE B 1052 -11.62 12.66 11.66
C PHE B 1052 -12.76 13.67 11.71
N ILE B 1053 -13.98 13.30 11.34
CA ILE B 1053 -15.11 14.18 11.59
C ILE B 1053 -15.38 14.24 13.09
N ILE B 1054 -15.27 13.10 13.77
CA ILE B 1054 -15.35 13.12 15.24
C ILE B 1054 -14.23 14.00 15.81
N VAL B 1055 -13.02 13.79 15.32
CA VAL B 1055 -11.85 14.54 15.77
C VAL B 1055 -12.07 16.03 15.54
N ALA B 1056 -12.65 16.40 14.41
CA ALA B 1056 -12.79 17.78 13.99
C ALA B 1056 -14.03 18.44 14.54
N VAL B 1057 -14.97 17.68 15.12
CA VAL B 1057 -16.05 18.33 15.85
C VAL B 1057 -15.66 18.49 17.32
N LEU B 1059 -12.05 18.22 18.70
CA LEU B 1059 -10.85 19.04 18.70
C LEU B 1059 -10.99 20.27 17.83
N GLU B 1060 -11.86 20.22 16.82
CA GLU B 1060 -12.02 21.29 15.82
C GLU B 1060 -10.75 21.45 14.99
N THR B 1061 -10.26 20.33 14.49
CA THR B 1061 -9.16 20.31 13.53
C THR B 1061 -9.75 20.60 12.15
N GLY B 1062 -8.98 20.39 11.09
CA GLY B 1062 -9.52 20.42 9.74
C GLY B 1062 -10.16 21.72 9.31
N GLY B 1063 -9.63 22.83 9.78
CA GLY B 1063 -10.13 24.12 9.35
C GLY B 1063 -11.48 24.50 9.92
N ILE B 1064 -12.01 23.67 10.82
CA ILE B 1064 -13.32 23.96 11.48
C ILE B 1064 -13.11 25.11 12.47
N ALA B 1065 -11.99 25.16 13.19
CA ALA B 1065 -11.66 26.29 14.04
C ALA B 1065 -11.33 27.52 13.22
N ASP B 1066 -10.66 27.32 12.07
CA ASP B 1066 -10.47 28.40 11.12
C ASP B 1066 -11.81 28.99 10.68
N TYR B 1067 -12.76 28.12 10.34
CA TYR B 1067 -14.08 28.56 9.90
C TYR B 1067 -14.77 29.40 10.97
N ILE B 1068 -14.79 28.91 12.21
CA ILE B 1068 -15.46 29.65 13.28
C ILE B 1068 -14.77 30.97 13.54
N ALA B 1069 -13.44 30.97 13.50
CA ALA B 1069 -12.70 32.21 13.68
C ALA B 1069 -13.03 33.21 12.58
N MET B 1070 -13.13 32.74 11.34
CA MET B 1070 -13.45 33.63 10.22
C MET B 1070 -14.85 34.19 10.35
N LYS B 1071 -15.82 33.36 10.74
CA LYS B 1071 -17.16 33.87 11.01
C LYS B 1071 -17.15 34.95 12.08
N SER B 1072 -16.41 34.71 13.17
CA SER B 1072 -16.32 35.73 14.21
C SER B 1072 -15.67 37.00 13.68
N ILE B 1073 -14.71 36.87 12.78
CA ILE B 1073 -14.07 38.03 12.18
C ILE B 1073 -15.05 38.82 11.33
N SER B 1074 -15.98 38.12 10.68
CA SER B 1074 -16.92 38.79 9.77
C SER B 1074 -17.66 39.92 10.46
N THR B 1075 -18.12 39.70 11.69
CA THR B 1075 -18.86 40.72 12.43
C THR B 1075 -17.98 41.94 12.73
N ALA B 1085 -10.35 38.20 15.42
CA ALA B 1085 -10.16 37.42 16.64
C ALA B 1085 -9.07 36.37 16.44
N GLU B 1086 -9.14 35.31 17.26
CA GLU B 1086 -8.13 34.25 17.21
C GLU B 1086 -8.71 33.00 17.86
N ILE B 1087 -8.09 31.85 17.56
CA ILE B 1087 -8.65 30.52 17.98
C ILE B 1087 -8.32 30.14 19.43
N PRO B 1088 -9.21 29.41 20.14
CA PRO B 1088 -8.92 28.91 21.48
C PRO B 1088 -8.17 27.57 21.43
N LEU B 1089 -7.55 27.14 22.53
CA LEU B 1089 -6.70 25.92 22.51
C LEU B 1089 -7.54 24.69 22.86
N MET B 1090 -8.45 24.83 23.82
CA MET B 1090 -9.28 23.69 24.27
C MET B 1090 -10.76 23.99 24.02
N THR B 1091 -11.56 22.96 23.73
CA THR B 1091 -13.00 23.14 23.45
C THR B 1091 -13.82 22.17 24.33
N SER B 1092 -14.91 22.65 24.93
CA SER B 1092 -15.71 21.79 25.84
C SER B 1092 -16.07 20.50 25.12
N LYS B 1093 -16.12 20.53 23.78
CA LYS B 1093 -16.53 19.32 23.04
C LYS B 1093 -15.61 18.17 23.42
N ALA B 1094 -14.38 18.47 23.84
CA ALA B 1094 -13.41 17.42 24.23
C ALA B 1094 -13.78 16.84 25.59
N SER B 1095 -14.14 17.69 26.55
CA SER B 1095 -14.60 17.21 27.88
C SER B 1095 -15.90 16.41 27.72
N ILE B 1096 -16.87 16.96 26.98
CA ILE B 1096 -18.13 16.21 26.70
C ILE B 1096 -17.74 14.88 26.08
N TYR B 1097 -16.86 14.91 25.07
CA TYR B 1097 -16.39 13.65 24.45
C TYR B 1097 -15.44 12.94 25.41
N PHE B 1098 -14.94 13.61 26.45
CA PHE B 1098 -14.10 12.84 27.35
C PHE B 1098 -14.92 12.14 28.42
N ASN B 1099 -15.93 12.82 28.97
CA ASN B 1099 -16.79 12.18 29.96
C ASN B 1099 -17.79 11.23 29.34
N VAL B 1100 -18.21 11.47 28.09
CA VAL B 1100 -19.05 10.50 27.40
C VAL B 1100 -18.31 9.19 27.20
N ILE B 1101 -17.03 9.25 26.83
CA ILE B 1101 -16.29 8.01 26.60
C ILE B 1101 -16.19 7.19 27.89
N LEU B 1102 -15.87 7.82 29.01
CA LEU B 1102 -15.76 7.09 30.27
C LEU B 1102 -17.13 6.60 30.76
N TRP B 1103 -18.14 7.47 30.72
CA TRP B 1103 -19.49 7.03 31.02
C TRP B 1103 -19.89 5.82 30.18
N LEU B 1104 -19.46 5.81 28.91
CA LEU B 1104 -19.90 4.77 27.99
C LEU B 1104 -19.17 3.46 28.26
N VAL B 1105 -17.86 3.53 28.54
CA VAL B 1105 -17.11 2.32 28.84
C VAL B 1105 -17.53 1.77 30.21
N ALA B 1106 -17.87 2.65 31.15
CA ALA B 1106 -18.40 2.19 32.43
C ALA B 1106 -19.76 1.53 32.24
N LEU B 1107 -20.58 2.06 31.34
CA LEU B 1107 -21.86 1.41 31.04
C LEU B 1107 -21.65 0.02 30.44
N SER B 1108 -20.68 -0.10 29.52
CA SER B 1108 -20.39 -1.42 28.95
C SER B 1108 -19.88 -2.38 30.01
N ALA B 1109 -18.99 -1.92 30.89
CA ALA B 1109 -18.49 -2.78 31.96
C ALA B 1109 -19.60 -3.18 32.92
N LEU B 1110 -20.51 -2.25 33.22
CA LEU B 1110 -21.64 -2.54 34.10
C LEU B 1110 -22.56 -3.58 33.48
N ILE B 1111 -22.85 -3.43 32.18
CA ILE B 1111 -23.69 -4.42 31.51
C ILE B 1111 -23.03 -5.80 31.54
N ARG B 1112 -21.72 -5.85 31.26
CA ARG B 1112 -21.04 -7.14 31.26
C ARG B 1112 -20.97 -7.76 32.64
N PHE B 1113 -20.75 -6.94 33.67
CA PHE B 1113 -20.75 -7.46 35.04
C PHE B 1113 -22.12 -7.97 35.45
N ILE B 1114 -23.19 -7.26 35.08
CA ILE B 1114 -24.53 -7.75 35.37
C ILE B 1114 -24.78 -9.07 34.66
N GLY B 1115 -24.38 -9.17 33.41
CA GLY B 1115 -24.55 -10.42 32.70
C GLY B 1115 -23.84 -11.57 33.39
N CYS B 1116 -22.60 -11.34 33.82
CA CYS B 1116 -21.85 -12.40 34.50
C CYS B 1116 -22.49 -12.75 35.84
N SER B 1117 -22.97 -11.75 36.58
CA SER B 1117 -23.62 -12.03 37.86
C SER B 1117 -24.88 -12.86 37.67
N ILE B 1118 -25.69 -12.52 36.66
CA ILE B 1118 -26.90 -13.31 36.40
C ILE B 1118 -26.54 -14.73 35.99
N TYR B 1119 -25.51 -14.87 35.14
CA TYR B 1119 -25.05 -16.21 34.77
C TYR B 1119 -24.67 -17.02 36.00
N MET B 1120 -23.91 -16.41 36.91
CA MET B 1120 -23.47 -17.13 38.11
C MET B 1120 -24.63 -17.47 39.03
N ILE B 1121 -25.53 -16.51 39.26
CA ILE B 1121 -26.68 -16.78 40.13
C ILE B 1121 -27.53 -17.90 39.57
N VAL B 1122 -27.80 -17.86 38.26
CA VAL B 1122 -28.62 -18.89 37.65
C VAL B 1122 -27.95 -20.25 37.76
N ARG B 1123 -26.64 -20.31 37.47
CA ARG B 1123 -25.94 -21.59 37.53
C ARG B 1123 -25.92 -22.15 38.94
N PHE B 1124 -25.65 -21.30 39.93
CA PHE B 1124 -25.58 -21.77 41.31
C PHE B 1124 -26.95 -22.19 41.83
N PHE B 1125 -28.00 -21.43 41.50
CA PHE B 1125 -29.35 -21.81 41.91
C PHE B 1125 -29.75 -23.14 41.31
N LYS B 1126 -29.52 -23.29 40.00
CA LYS B 1126 -29.85 -24.55 39.30
C LYS B 1126 -29.10 -25.69 39.97
N LYS B 1127 -27.79 -25.53 40.15
CA LYS B 1127 -26.98 -26.58 40.75
C LYS B 1127 -27.49 -26.96 42.14
#